data_4L0K
#
_entry.id   4L0K
#
_cell.length_a   58.397
_cell.length_b   119.063
_cell.length_c   82.111
_cell.angle_alpha   90.00
_cell.angle_beta   92.89
_cell.angle_gamma   90.00
#
_symmetry.space_group_name_H-M   'P 1 21 1'
#
loop_
_entity.id
_entity.type
_entity.pdbx_description
1 polymer DraIII
2 water water
#
_entity_poly.entity_id   1
_entity_poly.type   'polypeptide(L)'
_entity_poly.pdbx_seq_one_letter_code
;MELCHKTVKSRTAYSKHFPHKCQLPLGHSGKCLEFPFLVSLSKTHPRIAAKIVRDATMTTGAAWKSSQAGPNRMPRYVAI
LDDDILLEKFNLDMQSLPEITRLKIREKAADYDSCIDVARKLTWLAYQLHGAPIPDSFTKNYLEEFFGPMVAGSTNCEIC
KLPLTIDLFSENRVGKAAVETAHKTPRLHNAENVGFAHRFCNVAQGNKSLDEFYLWMEEVLTRVKML
;
_entity_poly.pdbx_strand_id   A,B,C,D
#
# COMPACT_ATOMS: atom_id res chain seq x y z
N MET A 1 -44.67 2.82 18.67
CA MET A 1 -45.62 3.75 19.24
C MET A 1 -46.44 4.46 18.18
N GLU A 2 -47.52 5.10 18.61
CA GLU A 2 -48.29 5.99 17.75
C GLU A 2 -47.94 7.42 18.15
N LEU A 3 -47.75 8.29 17.16
CA LEU A 3 -47.31 9.67 17.42
C LEU A 3 -48.48 10.67 17.47
N CYS A 4 -48.29 11.76 18.23
CA CYS A 4 -49.24 12.89 18.32
C CYS A 4 -49.73 13.24 16.93
N HIS A 5 -48.82 13.73 16.09
CA HIS A 5 -49.14 14.18 14.73
C HIS A 5 -50.07 15.39 14.67
N LYS A 6 -50.42 15.97 15.82
CA LYS A 6 -51.16 17.23 15.83
C LYS A 6 -50.31 18.35 15.24
N THR A 7 -50.94 19.28 14.53
CA THR A 7 -50.23 20.40 13.91
C THR A 7 -49.48 21.27 14.92
N VAL A 8 -48.18 21.47 14.69
CA VAL A 8 -47.36 22.26 15.60
C VAL A 8 -47.35 23.72 15.16
N LYS A 9 -47.72 24.60 16.09
CA LYS A 9 -47.70 26.05 15.85
C LYS A 9 -46.33 26.53 15.40
N SER A 10 -46.30 27.31 14.32
CA SER A 10 -45.05 27.75 13.72
C SER A 10 -45.21 29.10 13.01
N ARG A 11 -44.08 29.72 12.68
CA ARG A 11 -44.04 30.96 11.90
C ARG A 11 -43.22 30.74 10.66
N THR A 12 -43.11 29.48 10.28
CA THR A 12 -42.39 29.04 9.09
C THR A 12 -43.21 29.34 7.82
N ALA A 13 -42.54 29.61 6.70
CA ALA A 13 -43.26 29.81 5.44
C ALA A 13 -44.15 28.60 5.13
N TYR A 14 -43.52 27.42 5.08
CA TYR A 14 -44.19 26.14 4.91
C TYR A 14 -45.45 26.02 5.79
N SER A 15 -45.38 26.54 7.01
CA SER A 15 -46.46 26.39 7.98
C SER A 15 -47.75 27.10 7.52
N LYS A 16 -47.62 28.04 6.60
CA LYS A 16 -48.76 28.79 6.11
C LYS A 16 -49.59 27.94 5.14
N HIS A 17 -48.99 26.89 4.61
CA HIS A 17 -49.66 26.03 3.64
C HIS A 17 -49.70 24.57 4.07
N PHE A 18 -48.67 24.13 4.80
CA PHE A 18 -48.60 22.74 5.27
C PHE A 18 -48.27 22.65 6.76
N PRO A 19 -48.63 21.53 7.40
CA PRO A 19 -48.38 21.43 8.84
C PRO A 19 -47.01 20.86 9.24
N HIS A 20 -46.42 21.42 10.28
CA HIS A 20 -45.37 20.72 11.02
C HIS A 20 -46.11 19.83 12.03
N LYS A 21 -45.60 18.62 12.27
CA LYS A 21 -46.35 17.66 13.07
C LYS A 21 -45.75 17.35 14.44
N CYS A 22 -46.62 17.10 15.42
CA CYS A 22 -46.25 16.67 16.76
C CYS A 22 -45.50 15.33 16.65
N GLN A 23 -44.35 15.21 17.30
CA GLN A 23 -43.65 13.93 17.27
C GLN A 23 -43.59 13.28 18.66
N LEU A 24 -44.32 13.87 19.61
CA LEU A 24 -44.52 13.26 20.93
C LEU A 24 -45.44 12.05 20.78
N PRO A 25 -45.37 11.09 21.73
CA PRO A 25 -46.31 9.95 21.73
C PRO A 25 -47.77 10.43 21.77
N LEU A 26 -48.67 9.68 21.13
CA LEU A 26 -50.09 10.03 21.05
C LEU A 26 -50.72 10.45 22.39
N GLY A 27 -50.34 9.74 23.47
CA GLY A 27 -50.80 10.07 24.81
C GLY A 27 -50.60 11.54 25.18
N HIS A 28 -49.38 11.87 25.62
CA HIS A 28 -48.84 13.22 25.45
C HIS A 28 -49.25 14.26 26.49
N SER A 29 -48.45 14.39 27.53
CA SER A 29 -48.78 15.22 28.67
C SER A 29 -48.25 16.67 28.65
N GLY A 30 -48.40 17.38 27.53
CA GLY A 30 -47.97 18.78 27.51
C GLY A 30 -48.23 19.48 26.20
N LYS A 31 -47.40 20.48 25.88
CA LYS A 31 -47.50 21.18 24.61
C LYS A 31 -46.86 20.37 23.48
N CYS A 32 -47.47 20.42 22.30
CA CYS A 32 -47.10 19.52 21.21
C CYS A 32 -45.83 20.02 20.46
N LEU A 33 -44.83 19.16 20.32
CA LEU A 33 -43.52 19.54 19.76
C LEU A 33 -43.08 18.79 18.48
N GLU A 34 -42.36 19.50 17.62
CA GLU A 34 -41.86 18.91 16.38
C GLU A 34 -40.59 18.08 16.62
N PHE A 35 -39.70 18.55 17.50
CA PHE A 35 -38.45 17.83 17.76
C PHE A 35 -38.19 17.55 19.25
N PRO A 36 -39.09 16.79 19.90
CA PRO A 36 -38.97 16.52 21.35
C PRO A 36 -37.69 15.78 21.72
N PHE A 37 -37.36 14.76 20.92
CA PHE A 37 -36.13 13.97 21.10
C PHE A 37 -34.83 14.77 20.96
N LEU A 38 -34.92 16.03 20.54
CA LEU A 38 -33.75 16.89 20.48
C LEU A 38 -33.63 17.90 21.63
N VAL A 39 -34.65 17.97 22.50
CA VAL A 39 -34.64 19.00 23.54
C VAL A 39 -33.36 18.98 24.38
N SER A 40 -33.08 17.85 25.02
CA SER A 40 -31.84 17.71 25.79
C SER A 40 -30.60 18.03 24.96
N LEU A 41 -30.56 17.54 23.72
CA LEU A 41 -29.36 17.78 22.92
C LEU A 41 -29.20 19.28 22.66
N SER A 42 -30.33 19.97 22.41
CA SER A 42 -30.34 21.42 22.23
C SER A 42 -29.83 22.12 23.48
N LYS A 43 -30.12 21.52 24.62
CA LYS A 43 -29.67 22.10 25.87
C LYS A 43 -28.16 21.88 26.03
N THR A 44 -27.66 20.70 25.61
CA THR A 44 -26.25 20.37 25.83
C THR A 44 -25.30 20.71 24.68
N HIS A 45 -25.79 20.60 23.46
CA HIS A 45 -24.96 20.87 22.28
C HIS A 45 -25.76 21.54 21.19
N PRO A 46 -25.96 22.86 21.32
CA PRO A 46 -26.85 23.59 20.42
C PRO A 46 -26.52 23.37 18.93
N ARG A 47 -25.25 23.54 18.55
CA ARG A 47 -24.90 23.37 17.15
C ARG A 47 -25.06 21.95 16.63
N ILE A 48 -24.93 20.95 17.50
CA ILE A 48 -25.12 19.59 17.01
C ILE A 48 -26.61 19.36 16.76
N ALA A 49 -27.45 19.76 17.71
CA ALA A 49 -28.90 19.67 17.51
C ALA A 49 -29.33 20.39 16.23
N ALA A 50 -28.83 21.61 16.05
CA ALA A 50 -29.21 22.40 14.87
C ALA A 50 -28.70 21.77 13.58
N LYS A 51 -27.50 21.21 13.61
CA LYS A 51 -26.97 20.54 12.43
C LYS A 51 -27.77 19.28 12.09
N ILE A 52 -28.18 18.53 13.10
CA ILE A 52 -29.09 17.39 12.87
C ILE A 52 -30.40 17.84 12.20
N VAL A 53 -31.09 18.82 12.78
CA VAL A 53 -32.28 19.36 12.13
C VAL A 53 -32.02 19.80 10.67
N ARG A 54 -31.01 20.64 10.45
CA ARG A 54 -30.67 21.11 9.09
C ARG A 54 -30.38 19.97 8.10
N ASP A 55 -29.52 19.03 8.46
CA ASP A 55 -29.19 17.91 7.57
C ASP A 55 -30.41 17.03 7.33
N ALA A 56 -31.29 16.90 8.32
CA ALA A 56 -32.48 16.09 8.15
C ALA A 56 -33.53 16.74 7.25
N THR A 57 -33.59 18.07 7.31
CA THR A 57 -34.74 18.86 6.83
C THR A 57 -34.45 19.71 5.58
N MET A 58 -33.20 20.11 5.41
CA MET A 58 -32.85 21.14 4.43
C MET A 58 -31.99 20.66 3.25
N THR A 59 -31.96 21.49 2.22
CA THR A 59 -31.27 21.19 0.98
C THR A 59 -29.78 21.50 1.10
N MET A 74 -33.65 25.76 1.06
CA MET A 74 -35.04 25.33 1.20
C MET A 74 -35.18 23.93 1.79
N PRO A 75 -36.34 23.65 2.45
CA PRO A 75 -36.62 22.32 3.01
C PRO A 75 -36.75 21.24 1.93
N ARG A 76 -36.33 20.02 2.24
CA ARG A 76 -36.42 18.91 1.29
C ARG A 76 -37.87 18.56 0.98
N TYR A 77 -38.76 18.84 1.93
CA TYR A 77 -40.19 18.58 1.73
C TYR A 77 -40.90 19.76 1.05
N VAL A 78 -40.11 20.74 0.62
CA VAL A 78 -40.56 21.79 -0.27
C VAL A 78 -39.96 21.53 -1.66
N ALA A 79 -38.74 21.00 -1.67
CA ALA A 79 -38.04 20.68 -2.91
C ALA A 79 -38.67 19.49 -3.66
N ILE A 80 -39.62 18.83 -3.00
CA ILE A 80 -40.39 17.74 -3.61
C ILE A 80 -41.69 18.22 -4.28
N LEU A 81 -42.14 19.42 -3.93
CA LEU A 81 -43.38 19.96 -4.48
C LEU A 81 -43.25 20.36 -5.95
N ASP A 82 -44.31 20.18 -6.72
CA ASP A 82 -44.29 20.49 -8.15
C ASP A 82 -44.20 22.00 -8.41
N ASP A 83 -43.72 22.38 -9.59
CA ASP A 83 -43.56 23.79 -10.00
C ASP A 83 -44.80 24.70 -9.74
N ASP A 84 -46.02 24.20 -9.95
CA ASP A 84 -47.22 25.03 -9.79
C ASP A 84 -47.41 25.42 -8.34
N ILE A 85 -47.18 24.46 -7.44
CA ILE A 85 -47.32 24.70 -6.01
C ILE A 85 -46.19 25.61 -5.48
N LEU A 86 -44.99 25.42 -6.02
CA LEU A 86 -43.87 26.29 -5.67
C LEU A 86 -44.18 27.74 -6.06
N LEU A 87 -44.56 27.95 -7.32
CA LEU A 87 -44.90 29.28 -7.81
C LEU A 87 -46.06 29.92 -7.07
N GLU A 88 -47.12 29.16 -6.85
CA GLU A 88 -48.34 29.74 -6.30
C GLU A 88 -48.32 29.92 -4.78
N LYS A 89 -47.70 28.98 -4.07
CA LYS A 89 -47.81 28.97 -2.61
C LYS A 89 -46.53 29.39 -1.89
N PHE A 90 -45.43 29.51 -2.62
CA PHE A 90 -44.13 29.82 -2.03
C PHE A 90 -43.42 30.89 -2.84
N ASN A 91 -44.01 31.24 -3.97
CA ASN A 91 -43.40 32.17 -4.92
C ASN A 91 -41.99 31.78 -5.30
N LEU A 92 -41.90 30.66 -6.00
CA LEU A 92 -40.65 30.14 -6.51
C LEU A 92 -40.90 29.81 -7.98
N ASP A 93 -40.31 30.59 -8.88
CA ASP A 93 -40.47 30.31 -10.30
C ASP A 93 -39.33 29.41 -10.78
N MET A 94 -39.57 28.11 -10.73
CA MET A 94 -38.55 27.12 -11.06
C MET A 94 -38.10 27.27 -12.51
N GLN A 95 -39.00 27.74 -13.36
CA GLN A 95 -38.68 27.95 -14.77
C GLN A 95 -37.69 29.11 -14.96
N SER A 96 -37.58 30.00 -13.97
CA SER A 96 -36.59 31.05 -14.03
C SER A 96 -35.18 30.48 -13.82
N LEU A 97 -35.02 29.68 -12.77
CA LEU A 97 -33.74 29.08 -12.43
C LEU A 97 -33.21 28.25 -13.60
N PRO A 98 -31.87 28.17 -13.73
CA PRO A 98 -31.30 27.32 -14.78
C PRO A 98 -31.54 25.84 -14.53
N GLU A 99 -31.50 25.04 -15.61
CA GLU A 99 -31.85 23.63 -15.57
C GLU A 99 -31.14 22.88 -14.45
N ILE A 100 -29.86 23.18 -14.25
CA ILE A 100 -29.03 22.47 -13.29
C ILE A 100 -29.48 22.68 -11.85
N THR A 101 -29.90 23.89 -11.51
CA THR A 101 -30.36 24.13 -10.15
C THR A 101 -31.72 23.49 -9.87
N ARG A 102 -32.57 23.39 -10.89
CA ARG A 102 -33.83 22.64 -10.78
C ARG A 102 -33.52 21.15 -10.55
N LEU A 103 -32.62 20.62 -11.36
CA LEU A 103 -32.16 19.25 -11.21
C LEU A 103 -31.63 18.94 -9.80
N LYS A 104 -30.71 19.76 -9.31
CA LYS A 104 -30.17 19.54 -7.98
C LYS A 104 -31.22 19.69 -6.87
N ILE A 105 -32.09 20.70 -7.02
CA ILE A 105 -33.22 20.85 -6.09
C ILE A 105 -34.05 19.56 -6.02
N ARG A 106 -34.39 18.99 -7.17
CA ARG A 106 -35.15 17.74 -7.20
C ARG A 106 -34.36 16.56 -6.63
N GLU A 107 -33.05 16.61 -6.82
CA GLU A 107 -32.15 15.56 -6.37
C GLU A 107 -32.22 15.46 -4.87
N LYS A 108 -32.42 16.60 -4.21
CA LYS A 108 -32.52 16.59 -2.75
C LYS A 108 -33.91 16.40 -2.12
N ALA A 109 -34.92 16.09 -2.94
CA ALA A 109 -36.31 16.01 -2.43
C ALA A 109 -36.58 14.81 -1.52
N ALA A 110 -37.42 15.03 -0.50
CA ALA A 110 -37.85 13.96 0.39
C ALA A 110 -39.13 14.43 1.06
N ASP A 111 -40.04 13.50 1.36
CA ASP A 111 -41.28 13.85 2.04
C ASP A 111 -41.01 14.27 3.50
N TYR A 112 -42.00 14.87 4.13
CA TYR A 112 -41.87 15.45 5.47
C TYR A 112 -41.55 14.39 6.53
N ASP A 113 -42.33 13.32 6.51
CA ASP A 113 -42.17 12.24 7.48
C ASP A 113 -40.76 11.63 7.43
N SER A 114 -40.22 11.47 6.22
CA SER A 114 -38.88 10.92 6.02
C SER A 114 -37.82 11.81 6.65
N CYS A 115 -37.93 13.12 6.40
CA CYS A 115 -37.03 14.10 6.99
C CYS A 115 -37.04 14.00 8.52
N ILE A 116 -38.23 13.89 9.10
CA ILE A 116 -38.31 13.72 10.55
C ILE A 116 -37.68 12.39 11.02
N ASP A 117 -37.96 11.31 10.30
CA ASP A 117 -37.32 10.00 10.54
C ASP A 117 -35.79 10.08 10.59
N VAL A 118 -35.21 10.68 9.55
CA VAL A 118 -33.77 10.95 9.47
C VAL A 118 -33.27 11.73 10.69
N ALA A 119 -33.95 12.82 11.04
CA ALA A 119 -33.64 13.53 12.29
C ALA A 119 -33.58 12.59 13.52
N ARG A 120 -34.57 11.70 13.60
CA ARG A 120 -34.62 10.79 14.76
C ARG A 120 -33.41 9.83 14.77
N LYS A 121 -33.09 9.31 13.59
CA LYS A 121 -32.01 8.33 13.44
C LYS A 121 -30.70 8.96 13.86
N LEU A 122 -30.45 10.16 13.34
CA LEU A 122 -29.23 10.88 13.58
C LEU A 122 -29.07 11.26 15.05
N THR A 123 -30.18 11.59 15.72
CA THR A 123 -30.11 11.82 17.17
C THR A 123 -29.74 10.53 17.93
N TRP A 124 -30.32 9.44 17.48
CA TRP A 124 -30.05 8.14 18.08
C TRP A 124 -28.55 7.77 17.91
N LEU A 125 -28.00 8.02 16.73
CA LEU A 125 -26.58 7.76 16.47
C LEU A 125 -25.76 8.64 17.38
N ALA A 126 -26.20 9.90 17.51
CA ALA A 126 -25.39 10.91 18.21
C ALA A 126 -25.21 10.55 19.69
N TYR A 127 -26.27 10.04 20.32
CA TYR A 127 -26.15 9.63 21.72
C TYR A 127 -25.24 8.40 21.93
N GLN A 128 -24.80 7.80 20.85
CA GLN A 128 -23.90 6.65 20.89
C GLN A 128 -22.51 6.99 20.37
N LEU A 129 -22.24 8.29 20.23
CA LEU A 129 -20.89 8.77 19.93
C LEU A 129 -20.01 8.61 21.17
N HIS A 130 -18.74 8.26 20.99
CA HIS A 130 -17.82 8.38 22.12
C HIS A 130 -17.78 9.82 22.64
N GLY A 131 -18.00 9.98 23.94
CA GLY A 131 -17.98 11.30 24.57
C GLY A 131 -19.35 11.97 24.61
N ALA A 132 -20.37 11.29 24.11
CA ALA A 132 -21.70 11.91 24.02
C ALA A 132 -22.27 12.21 25.39
N PRO A 133 -23.18 13.18 25.47
CA PRO A 133 -23.86 13.40 26.75
C PRO A 133 -24.73 12.18 27.05
N ILE A 134 -25.05 11.97 28.32
CA ILE A 134 -26.05 10.96 28.64
C ILE A 134 -27.44 11.56 28.37
N PRO A 135 -28.27 10.83 27.62
CA PRO A 135 -29.63 11.25 27.34
C PRO A 135 -30.56 10.99 28.51
N ASP A 136 -31.56 11.85 28.70
CA ASP A 136 -32.58 11.67 29.71
C ASP A 136 -33.46 10.47 29.36
N SER A 137 -34.31 10.04 30.29
CA SER A 137 -35.04 8.79 30.08
C SER A 137 -36.09 8.88 28.97
N PHE A 138 -36.73 10.04 28.83
CA PHE A 138 -37.65 10.23 27.71
C PHE A 138 -36.97 10.04 26.36
N THR A 139 -35.87 10.77 26.15
CA THR A 139 -35.14 10.74 24.87
C THR A 139 -34.68 9.34 24.57
N LYS A 140 -34.01 8.75 25.56
CA LYS A 140 -33.51 7.38 25.46
C LYS A 140 -34.60 6.38 25.07
N ASN A 141 -35.71 6.38 25.81
CA ASN A 141 -36.75 5.38 25.58
C ASN A 141 -37.48 5.59 24.27
N TYR A 142 -37.73 6.85 23.97
CA TYR A 142 -38.38 7.24 22.72
C TYR A 142 -37.57 6.78 21.50
N LEU A 143 -36.28 7.15 21.47
CA LEU A 143 -35.41 6.77 20.34
C LEU A 143 -35.16 5.26 20.28
N GLU A 144 -34.93 4.64 21.44
CA GLU A 144 -34.72 3.19 21.52
C GLU A 144 -35.93 2.42 21.03
N GLU A 145 -37.12 2.99 21.23
CA GLU A 145 -38.34 2.38 20.72
C GLU A 145 -38.31 2.30 19.20
N PHE A 146 -37.70 3.30 18.56
CA PHE A 146 -37.62 3.34 17.11
C PHE A 146 -36.50 2.47 16.55
N PHE A 147 -35.33 2.53 17.18
CA PHE A 147 -34.13 1.96 16.55
C PHE A 147 -33.40 0.85 17.32
N GLY A 148 -33.86 0.55 18.53
CA GLY A 148 -33.20 -0.45 19.33
C GLY A 148 -32.33 0.15 20.41
N PRO A 149 -31.83 -0.71 21.30
CA PRO A 149 -30.97 -0.31 22.41
C PRO A 149 -29.78 0.55 22.00
N MET A 150 -29.60 1.66 22.72
CA MET A 150 -28.40 2.46 22.58
C MET A 150 -27.21 1.67 23.12
N VAL A 151 -26.16 1.58 22.32
CA VAL A 151 -24.93 0.98 22.78
C VAL A 151 -23.83 2.03 22.77
N ALA A 152 -23.36 2.40 23.96
CA ALA A 152 -22.34 3.42 24.10
C ALA A 152 -21.16 3.22 23.16
N GLY A 153 -20.75 4.29 22.48
CA GLY A 153 -19.55 4.28 21.66
C GLY A 153 -19.62 3.44 20.40
N SER A 154 -20.82 2.99 20.02
CA SER A 154 -20.98 2.15 18.84
C SER A 154 -21.01 2.94 17.54
N THR A 155 -21.23 4.24 17.62
CA THR A 155 -21.40 5.05 16.42
C THR A 155 -20.10 5.19 15.64
N ASN A 156 -20.07 4.60 14.43
CA ASN A 156 -18.90 4.68 13.55
C ASN A 156 -19.14 5.45 12.23
N CYS A 157 -18.07 5.93 11.62
CA CYS A 157 -18.10 6.35 10.22
C CYS A 157 -18.76 5.23 9.41
N GLU A 158 -19.78 5.56 8.61
CA GLU A 158 -20.48 4.57 7.80
C GLU A 158 -19.60 3.99 6.71
N ILE A 159 -18.63 4.78 6.23
CA ILE A 159 -17.61 4.34 5.29
C ILE A 159 -16.33 3.77 5.95
N CYS A 160 -15.54 4.62 6.65
CA CYS A 160 -14.30 4.28 7.43
C CYS A 160 -14.52 3.00 8.33
N LYS A 161 -15.71 2.89 8.94
CA LYS A 161 -15.99 1.99 10.09
C LYS A 161 -15.22 2.34 11.37
N LEU A 162 -14.54 3.49 11.36
CA LEU A 162 -13.86 4.02 12.55
C LEU A 162 -14.85 4.64 13.52
N PRO A 163 -14.65 4.38 14.83
CA PRO A 163 -15.47 5.00 15.89
C PRO A 163 -15.40 6.52 15.85
N LEU A 164 -16.53 7.20 15.89
CA LEU A 164 -16.53 8.66 15.89
C LEU A 164 -16.63 9.20 17.32
N THR A 165 -16.07 10.38 17.53
CA THR A 165 -16.14 11.07 18.81
C THR A 165 -16.92 12.36 18.64
N ILE A 166 -17.60 12.77 19.70
CA ILE A 166 -18.50 13.90 19.60
C ILE A 166 -17.73 15.20 19.34
N ASP A 167 -16.48 15.20 19.69
CA ASP A 167 -15.65 16.33 19.50
C ASP A 167 -15.43 16.64 18.05
N LEU A 168 -15.66 15.68 17.20
CA LEU A 168 -15.54 15.88 15.79
C LEU A 168 -16.60 16.76 15.28
N PHE A 169 -17.73 16.77 15.93
CA PHE A 169 -18.86 17.51 15.47
C PHE A 169 -18.74 18.95 15.85
N SER A 170 -17.58 19.33 16.32
CA SER A 170 -17.40 20.68 16.82
C SER A 170 -16.90 21.64 15.74
N GLU A 171 -17.70 22.65 15.48
CA GLU A 171 -17.40 23.64 14.47
C GLU A 171 -17.70 25.03 14.99
N ALA A 177 -17.96 20.30 8.51
CA ALA A 177 -16.84 20.22 9.44
C ALA A 177 -15.95 19.01 9.11
N ALA A 178 -15.47 18.33 10.14
CA ALA A 178 -14.76 17.08 9.96
C ALA A 178 -15.76 15.92 9.79
N VAL A 179 -16.99 16.08 10.29
CA VAL A 179 -18.04 15.06 10.16
C VAL A 179 -19.27 15.54 9.38
N GLU A 180 -19.86 14.66 8.58
CA GLU A 180 -21.00 15.00 7.74
C GLU A 180 -22.01 13.89 7.85
N THR A 181 -23.22 14.17 7.36
CA THR A 181 -24.26 13.17 7.28
C THR A 181 -24.03 12.31 6.05
N ALA A 182 -24.13 10.99 6.22
CA ALA A 182 -23.91 10.08 5.11
C ALA A 182 -25.18 9.40 4.68
N HIS A 183 -25.23 9.10 3.38
CA HIS A 183 -26.25 8.27 2.76
C HIS A 183 -25.60 7.01 2.22
N LYS A 184 -25.95 5.87 2.81
CA LYS A 184 -25.32 4.60 2.47
C LYS A 184 -25.56 4.23 1.01
N THR A 185 -26.75 4.56 0.52
CA THR A 185 -27.07 4.40 -0.88
C THR A 185 -27.50 5.77 -1.38
N PRO A 186 -26.96 6.21 -2.52
CA PRO A 186 -27.18 7.56 -3.05
C PRO A 186 -28.66 7.92 -3.14
N ARG A 187 -29.00 9.18 -2.86
CA ARG A 187 -30.32 9.71 -3.14
C ARG A 187 -31.43 8.91 -2.47
N LEU A 188 -31.26 8.62 -1.19
CA LEU A 188 -32.29 7.92 -0.43
C LEU A 188 -32.28 8.54 0.95
N HIS A 189 -33.37 9.25 1.28
CA HIS A 189 -33.42 10.01 2.51
C HIS A 189 -34.40 9.41 3.50
N ASN A 190 -33.93 8.43 4.27
CA ASN A 190 -34.74 7.81 5.33
C ASN A 190 -33.86 7.34 6.49
N ALA A 191 -34.51 6.88 7.57
CA ALA A 191 -33.79 6.49 8.78
C ALA A 191 -32.75 5.43 8.53
N GLU A 192 -33.08 4.44 7.71
CA GLU A 192 -32.27 3.24 7.56
C GLU A 192 -31.01 3.59 6.80
N ASN A 193 -31.14 4.49 5.84
CA ASN A 193 -30.06 4.80 4.92
C ASN A 193 -29.05 5.82 5.44
N VAL A 194 -29.32 6.45 6.58
CA VAL A 194 -28.43 7.55 7.00
C VAL A 194 -27.53 7.26 8.18
N GLY A 195 -26.43 8.01 8.26
CA GLY A 195 -25.56 7.93 9.42
C GLY A 195 -24.56 9.05 9.44
N PHE A 196 -23.44 8.86 10.13
CA PHE A 196 -22.37 9.86 10.10
C PHE A 196 -21.13 9.32 9.39
N ALA A 197 -20.38 10.23 8.78
CA ALA A 197 -19.13 9.88 8.09
C ALA A 197 -18.11 11.01 8.20
N HIS A 198 -16.83 10.66 8.30
CA HIS A 198 -15.76 11.63 8.07
C HIS A 198 -15.98 12.34 6.75
N ARG A 199 -15.66 13.63 6.73
CA ARG A 199 -15.69 14.41 5.50
C ARG A 199 -14.96 13.68 4.38
N PHE A 200 -13.72 13.27 4.65
CA PHE A 200 -12.94 12.57 3.63
C PHE A 200 -13.70 11.37 3.05
N CYS A 201 -14.20 10.52 3.95
CA CYS A 201 -14.82 9.26 3.54
C CYS A 201 -16.10 9.55 2.75
N ASN A 202 -16.84 10.54 3.23
CA ASN A 202 -18.05 10.98 2.57
C ASN A 202 -17.81 11.52 1.15
N VAL A 203 -16.79 12.36 0.95
CA VAL A 203 -16.53 12.77 -0.44
C VAL A 203 -15.93 11.65 -1.31
N ALA A 204 -15.13 10.75 -0.72
CA ALA A 204 -14.60 9.62 -1.50
C ALA A 204 -15.72 8.75 -2.06
N GLN A 205 -16.73 8.47 -1.23
CA GLN A 205 -17.81 7.58 -1.63
C GLN A 205 -18.55 8.12 -2.86
N GLY A 206 -18.69 9.45 -2.96
CA GLY A 206 -19.32 10.08 -4.11
C GLY A 206 -20.72 9.57 -4.44
N ASN A 207 -20.92 9.14 -5.68
CA ASN A 207 -22.25 8.68 -6.11
C ASN A 207 -22.41 7.17 -6.05
N LYS A 208 -21.48 6.49 -5.39
CA LYS A 208 -21.55 5.04 -5.24
C LYS A 208 -22.29 4.63 -3.96
N SER A 209 -22.93 3.47 -3.99
CA SER A 209 -23.43 2.90 -2.76
C SER A 209 -22.23 2.34 -2.00
N LEU A 210 -22.46 1.99 -0.75
CA LEU A 210 -21.41 1.44 0.10
C LEU A 210 -20.81 0.20 -0.56
N ASP A 211 -21.68 -0.75 -0.90
CA ASP A 211 -21.24 -2.00 -1.51
C ASP A 211 -20.50 -1.77 -2.83
N GLU A 212 -20.98 -0.87 -3.68
CA GLU A 212 -20.24 -0.54 -4.91
C GLU A 212 -18.88 0.06 -4.58
N PHE A 213 -18.83 0.87 -3.52
CA PHE A 213 -17.60 1.58 -3.17
C PHE A 213 -16.54 0.57 -2.72
N TYR A 214 -16.97 -0.41 -1.92
CA TYR A 214 -16.08 -1.43 -1.34
C TYR A 214 -15.63 -2.35 -2.44
N LEU A 215 -16.56 -2.72 -3.32
CA LEU A 215 -16.25 -3.55 -4.46
C LEU A 215 -15.18 -2.84 -5.34
N TRP A 216 -15.40 -1.55 -5.58
CA TRP A 216 -14.45 -0.69 -6.29
C TRP A 216 -13.06 -0.71 -5.68
N MET A 217 -12.99 -0.48 -4.36
CA MET A 217 -11.69 -0.51 -3.69
C MET A 217 -11.02 -1.87 -3.93
N GLU A 218 -11.81 -2.93 -3.79
CA GLU A 218 -11.29 -4.28 -3.98
C GLU A 218 -10.66 -4.51 -5.34
N GLU A 219 -11.32 -4.07 -6.39
CA GLU A 219 -10.83 -4.15 -7.74
C GLU A 219 -9.60 -3.33 -7.99
N VAL A 220 -9.55 -2.16 -7.42
CA VAL A 220 -8.43 -1.30 -7.55
C VAL A 220 -7.21 -1.93 -6.92
N LEU A 221 -7.37 -2.51 -5.75
CA LEU A 221 -6.25 -3.05 -5.04
C LEU A 221 -5.76 -4.30 -5.69
N THR A 222 -6.66 -5.05 -6.24
CA THR A 222 -6.31 -6.22 -6.97
C THR A 222 -5.38 -5.81 -8.09
N ARG A 223 -5.76 -4.78 -8.78
CA ARG A 223 -5.06 -4.33 -9.91
C ARG A 223 -3.72 -3.82 -9.52
N VAL A 224 -3.65 -3.02 -8.47
CA VAL A 224 -2.38 -2.47 -8.11
C VAL A 224 -1.39 -3.48 -7.56
N LYS A 225 -1.87 -4.59 -7.03
CA LYS A 225 -0.99 -5.59 -6.50
C LYS A 225 -0.39 -6.42 -7.61
N MET A 226 -0.98 -6.37 -8.79
CA MET A 226 -0.47 -7.10 -9.94
C MET A 226 0.87 -6.52 -10.31
N LEU A 227 0.87 -5.35 -10.91
CA LEU A 227 2.11 -4.69 -11.18
C LEU A 227 2.03 -3.19 -10.93
N MET B 1 -16.60 -22.50 25.84
CA MET B 1 -17.99 -22.09 25.60
C MET B 1 -18.56 -22.83 24.41
N GLU B 2 -19.89 -22.88 24.34
CA GLU B 2 -20.53 -23.38 23.14
C GLU B 2 -20.43 -22.25 22.11
N LEU B 3 -19.85 -22.54 20.96
CA LEU B 3 -19.79 -21.54 19.92
C LEU B 3 -21.00 -21.70 19.03
N CYS B 4 -21.48 -20.56 18.56
CA CYS B 4 -22.60 -20.45 17.63
C CYS B 4 -22.42 -21.45 16.46
N HIS B 5 -21.33 -21.29 15.72
CA HIS B 5 -21.01 -22.10 14.56
C HIS B 5 -22.06 -22.13 13.43
N LYS B 6 -23.03 -21.22 13.45
CA LYS B 6 -23.95 -21.08 12.33
C LYS B 6 -23.19 -20.66 11.07
N THR B 7 -23.57 -21.21 9.93
CA THR B 7 -22.95 -20.85 8.67
C THR B 7 -23.00 -19.34 8.37
N VAL B 8 -21.82 -18.76 8.15
CA VAL B 8 -21.73 -17.34 7.86
C VAL B 8 -21.27 -17.14 6.41
N LYS B 9 -21.79 -16.10 5.76
CA LYS B 9 -21.44 -15.81 4.37
C LYS B 9 -20.20 -14.94 4.29
N PRO B 19 -17.86 -23.10 3.69
CA PRO B 19 -18.66 -23.12 4.92
C PRO B 19 -17.94 -22.47 6.12
N HIS B 20 -17.96 -21.15 6.16
CA HIS B 20 -17.36 -20.43 7.28
C HIS B 20 -18.36 -20.35 8.41
N LYS B 21 -17.85 -20.28 9.63
CA LYS B 21 -18.69 -20.45 10.80
C LYS B 21 -18.64 -19.28 11.79
N CYS B 22 -19.82 -18.90 12.28
CA CYS B 22 -20.00 -17.96 13.37
C CYS B 22 -19.09 -18.35 14.54
N GLN B 23 -18.33 -17.39 15.09
CA GLN B 23 -17.48 -17.72 16.23
C GLN B 23 -17.94 -16.99 17.48
N LEU B 24 -19.16 -16.47 17.42
CA LEU B 24 -19.75 -15.83 18.58
C LEU B 24 -20.22 -16.95 19.56
N PRO B 25 -20.33 -16.63 20.86
CA PRO B 25 -21.03 -17.56 21.76
C PRO B 25 -22.43 -17.87 21.23
N LEU B 26 -22.85 -19.13 21.28
CA LEU B 26 -24.13 -19.56 20.72
C LEU B 26 -25.35 -18.67 21.04
N GLY B 27 -25.44 -18.17 22.26
CA GLY B 27 -26.63 -17.38 22.57
C GLY B 27 -26.80 -16.01 21.94
N HIS B 28 -25.81 -15.57 21.15
CA HIS B 28 -25.58 -14.12 20.98
C HIS B 28 -26.73 -13.34 20.35
N SER B 29 -26.93 -12.14 20.85
CA SER B 29 -27.84 -11.23 20.18
C SER B 29 -27.12 -10.76 18.92
N GLY B 30 -27.88 -10.37 17.91
CA GLY B 30 -27.31 -9.76 16.72
C GLY B 30 -26.77 -10.70 15.65
N LYS B 31 -26.16 -10.09 14.65
CA LYS B 31 -25.58 -10.77 13.50
C LYS B 31 -24.48 -11.78 13.90
N CYS B 32 -24.52 -12.97 13.33
CA CYS B 32 -23.50 -13.97 13.66
C CYS B 32 -22.19 -13.50 12.92
N LEU B 33 -21.01 -13.76 13.49
CA LEU B 33 -19.74 -13.20 12.96
C LEU B 33 -18.57 -14.23 13.03
N GLU B 34 -17.73 -14.25 12.00
CA GLU B 34 -16.62 -15.21 11.96
C GLU B 34 -15.42 -14.72 12.79
N PHE B 35 -15.21 -13.41 12.85
CA PHE B 35 -14.10 -12.84 13.59
C PHE B 35 -14.52 -11.74 14.57
N PRO B 36 -15.41 -12.07 15.51
CA PRO B 36 -15.83 -11.01 16.45
C PRO B 36 -14.68 -10.54 17.31
N PHE B 37 -13.79 -11.48 17.63
CA PHE B 37 -12.68 -11.19 18.52
C PHE B 37 -11.71 -10.17 17.90
N LEU B 38 -11.83 -9.92 16.59
CA LEU B 38 -10.96 -8.93 15.93
C LEU B 38 -11.63 -7.56 15.65
N VAL B 39 -12.94 -7.40 15.94
CA VAL B 39 -13.58 -6.14 15.52
C VAL B 39 -12.89 -4.89 16.10
N SER B 40 -12.75 -4.84 17.42
CA SER B 40 -12.08 -3.71 18.07
C SER B 40 -10.66 -3.53 17.58
N LEU B 41 -9.95 -4.65 17.35
CA LEU B 41 -8.55 -4.54 17.00
C LEU B 41 -8.50 -3.84 15.65
N SER B 42 -9.44 -4.20 14.77
CA SER B 42 -9.47 -3.64 13.43
C SER B 42 -9.66 -2.10 13.45
N LYS B 43 -10.15 -1.55 14.56
CA LYS B 43 -10.33 -0.11 14.64
C LYS B 43 -9.00 0.59 14.70
N THR B 44 -8.09 0.08 15.53
CA THR B 44 -6.83 0.80 15.79
C THR B 44 -5.63 0.21 15.03
N HIS B 45 -5.69 -1.09 14.80
CA HIS B 45 -4.60 -1.80 14.13
C HIS B 45 -5.13 -2.72 13.04
N PRO B 46 -5.72 -2.13 11.98
CA PRO B 46 -6.31 -2.92 10.91
C PRO B 46 -5.26 -3.83 10.26
N ARG B 47 -4.04 -3.33 10.11
CA ARG B 47 -2.97 -4.12 9.52
C ARG B 47 -2.67 -5.38 10.32
N ILE B 48 -2.65 -5.25 11.64
CA ILE B 48 -2.39 -6.41 12.50
C ILE B 48 -3.54 -7.38 12.44
N ALA B 49 -4.76 -6.86 12.44
CA ALA B 49 -5.95 -7.69 12.33
C ALA B 49 -5.95 -8.51 11.02
N ALA B 50 -5.56 -7.83 9.94
CA ALA B 50 -5.44 -8.46 8.62
C ALA B 50 -4.32 -9.53 8.62
N LYS B 51 -3.20 -9.22 9.24
CA LYS B 51 -2.09 -10.16 9.34
C LYS B 51 -2.55 -11.41 10.07
N ILE B 52 -3.26 -11.23 11.20
CA ILE B 52 -3.77 -12.36 11.97
C ILE B 52 -4.68 -13.26 11.15
N VAL B 53 -5.65 -12.66 10.46
CA VAL B 53 -6.49 -13.49 9.60
C VAL B 53 -5.67 -14.22 8.53
N ARG B 54 -4.84 -13.48 7.79
CA ARG B 54 -3.97 -14.08 6.77
C ARG B 54 -3.14 -15.26 7.31
N ASP B 55 -2.37 -15.02 8.36
CA ASP B 55 -1.49 -16.03 8.94
C ASP B 55 -2.23 -17.21 9.56
N ALA B 56 -3.42 -16.98 10.11
CA ALA B 56 -4.15 -18.10 10.67
C ALA B 56 -4.75 -18.93 9.55
N THR B 57 -5.02 -18.28 8.42
CA THR B 57 -5.96 -18.85 7.47
C THR B 57 -5.34 -19.21 6.10
N MET B 58 -4.26 -18.52 5.72
CA MET B 58 -3.73 -18.65 4.37
C MET B 58 -2.43 -19.41 4.25
N THR B 59 -2.29 -20.08 3.11
CA THR B 59 -1.05 -20.72 2.69
C THR B 59 -0.06 -19.65 2.25
N MET B 74 -4.23 -19.88 -1.50
CA MET B 74 -5.47 -20.55 -1.11
C MET B 74 -5.50 -20.84 0.40
N PRO B 75 -6.71 -20.88 0.99
CA PRO B 75 -6.90 -21.21 2.42
C PRO B 75 -6.35 -22.57 2.80
N ARG B 76 -5.73 -22.65 3.98
CA ARG B 76 -5.24 -23.90 4.52
C ARG B 76 -6.34 -24.96 4.63
N TYR B 77 -7.55 -24.54 4.97
CA TYR B 77 -8.65 -25.48 5.17
C TYR B 77 -9.32 -25.89 3.85
N VAL B 78 -8.93 -25.21 2.77
CA VAL B 78 -9.35 -25.61 1.44
C VAL B 78 -8.30 -26.60 0.90
N ALA B 79 -7.04 -26.35 1.26
CA ALA B 79 -5.93 -27.19 0.84
C ALA B 79 -6.06 -28.62 1.34
N ILE B 80 -6.71 -28.80 2.49
CA ILE B 80 -6.79 -30.11 3.14
C ILE B 80 -7.82 -31.05 2.48
N LEU B 81 -8.77 -30.47 1.76
CA LEU B 81 -9.82 -31.24 1.10
C LEU B 81 -9.22 -32.08 -0.04
N ASP B 82 -9.66 -33.33 -0.17
CA ASP B 82 -9.13 -34.23 -1.21
C ASP B 82 -9.52 -33.85 -2.64
N ASP B 83 -8.86 -34.48 -3.61
CA ASP B 83 -8.98 -34.11 -5.03
C ASP B 83 -10.44 -34.03 -5.50
N ASP B 84 -11.20 -35.06 -5.13
CA ASP B 84 -12.65 -35.16 -5.36
C ASP B 84 -13.38 -33.82 -5.20
N ILE B 85 -13.28 -33.27 -3.99
CA ILE B 85 -14.00 -32.06 -3.62
C ILE B 85 -13.39 -30.84 -4.27
N LEU B 86 -12.07 -30.85 -4.40
CA LEU B 86 -11.35 -29.72 -4.98
C LEU B 86 -11.79 -29.46 -6.42
N LEU B 87 -12.01 -30.53 -7.19
CA LEU B 87 -12.49 -30.35 -8.56
C LEU B 87 -13.85 -29.64 -8.65
N GLU B 88 -14.83 -30.15 -7.91
CA GLU B 88 -16.22 -29.73 -8.08
C GLU B 88 -16.55 -28.36 -7.48
N LYS B 89 -16.26 -28.19 -6.20
CA LYS B 89 -16.65 -26.97 -5.49
C LYS B 89 -15.66 -25.81 -5.62
N PHE B 90 -14.41 -26.13 -5.95
CA PHE B 90 -13.35 -25.12 -5.94
C PHE B 90 -12.62 -25.02 -7.27
N ASN B 91 -13.13 -25.72 -8.29
CA ASN B 91 -12.50 -25.82 -9.62
C ASN B 91 -10.98 -25.83 -9.60
N LEU B 92 -10.42 -26.83 -8.91
CA LEU B 92 -8.98 -26.99 -8.79
C LEU B 92 -8.66 -28.44 -9.11
N ASP B 93 -8.16 -28.68 -10.32
CA ASP B 93 -7.76 -30.02 -10.68
C ASP B 93 -6.35 -30.30 -10.17
N MET B 94 -6.26 -30.93 -9.01
CA MET B 94 -4.98 -31.30 -8.43
C MET B 94 -4.25 -32.30 -9.32
N GLN B 95 -5.01 -33.13 -10.03
CA GLN B 95 -4.44 -34.15 -10.90
C GLN B 95 -3.75 -33.58 -12.15
N SER B 96 -3.99 -32.29 -12.42
CA SER B 96 -3.35 -31.64 -13.56
C SER B 96 -2.05 -30.92 -13.16
N LEU B 97 -1.69 -31.01 -11.88
CA LEU B 97 -0.48 -30.40 -11.37
C LEU B 97 0.58 -31.46 -11.07
N PRO B 98 1.86 -31.11 -11.25
CA PRO B 98 2.95 -32.03 -10.88
C PRO B 98 2.92 -32.38 -9.38
N GLU B 99 3.34 -33.60 -9.05
CA GLU B 99 3.30 -34.10 -7.67
C GLU B 99 3.99 -33.16 -6.69
N ILE B 100 5.10 -32.56 -7.10
CA ILE B 100 5.85 -31.68 -6.22
C ILE B 100 4.98 -30.51 -5.77
N THR B 101 4.14 -30.01 -6.68
CA THR B 101 3.29 -28.86 -6.35
C THR B 101 1.96 -29.32 -5.76
N ARG B 102 1.90 -30.57 -5.28
CA ARG B 102 0.74 -31.07 -4.56
C ARG B 102 1.14 -31.45 -3.14
N LEU B 103 2.41 -31.83 -2.98
CA LEU B 103 2.98 -31.93 -1.65
C LEU B 103 3.17 -30.49 -1.14
N LYS B 104 3.24 -29.55 -2.07
CA LYS B 104 3.40 -28.13 -1.74
C LYS B 104 2.09 -27.51 -1.21
N ILE B 105 0.98 -27.80 -1.86
CA ILE B 105 -0.30 -27.23 -1.45
C ILE B 105 -0.76 -27.79 -0.11
N ARG B 106 -0.67 -29.10 0.04
CA ARG B 106 -1.17 -29.78 1.23
C ARG B 106 -0.16 -29.78 2.38
N GLU B 107 0.95 -29.06 2.18
CA GLU B 107 2.01 -29.00 3.16
C GLU B 107 1.52 -28.17 4.34
N LYS B 108 0.96 -27.02 4.01
CA LYS B 108 0.45 -26.06 4.99
C LYS B 108 -1.01 -26.34 5.37
N ALA B 109 -1.59 -27.43 4.86
CA ALA B 109 -3.01 -27.69 5.05
C ALA B 109 -3.37 -27.89 6.52
N ALA B 110 -4.55 -27.43 6.90
CA ALA B 110 -4.99 -27.54 8.28
C ALA B 110 -6.49 -27.30 8.30
N ASP B 111 -7.19 -27.97 9.20
CA ASP B 111 -8.66 -27.92 9.20
C ASP B 111 -9.12 -26.53 9.61
N TYR B 112 -10.27 -26.12 9.12
CA TYR B 112 -10.85 -24.82 9.44
C TYR B 112 -10.86 -24.45 10.94
N ASP B 113 -11.26 -25.41 11.78
CA ASP B 113 -11.31 -25.18 13.23
C ASP B 113 -9.95 -24.76 13.83
N SER B 114 -8.89 -25.49 13.46
CA SER B 114 -7.54 -25.20 13.95
C SER B 114 -7.08 -23.83 13.48
N CYS B 115 -7.38 -23.49 12.22
CA CYS B 115 -7.08 -22.15 11.71
C CYS B 115 -7.74 -21.07 12.56
N ILE B 116 -9.04 -21.19 12.79
CA ILE B 116 -9.71 -20.20 13.63
C ILE B 116 -9.09 -20.15 15.03
N ASP B 117 -8.76 -21.31 15.61
CA ASP B 117 -8.06 -21.30 16.91
C ASP B 117 -6.71 -20.57 16.89
N VAL B 118 -6.02 -20.63 15.75
CA VAL B 118 -4.80 -19.86 15.57
C VAL B 118 -5.13 -18.37 15.58
N ALA B 119 -6.16 -18.00 14.83
CA ALA B 119 -6.61 -16.61 14.82
C ALA B 119 -6.85 -16.10 16.25
N ARG B 120 -7.60 -16.89 17.03
CA ARG B 120 -7.87 -16.46 18.42
C ARG B 120 -6.58 -16.34 19.20
N LYS B 121 -5.72 -17.35 19.08
CA LYS B 121 -4.47 -17.36 19.82
C LYS B 121 -3.61 -16.14 19.54
N LEU B 122 -3.41 -15.88 18.26
CA LEU B 122 -2.65 -14.72 17.81
C LEU B 122 -3.28 -13.42 18.35
N THR B 123 -4.62 -13.31 18.36
CA THR B 123 -5.22 -12.09 18.90
C THR B 123 -4.90 -11.96 20.39
N TRP B 124 -5.06 -13.08 21.11
CA TRP B 124 -4.81 -13.13 22.56
C TRP B 124 -3.39 -12.68 22.84
N LEU B 125 -2.47 -13.12 21.98
CA LEU B 125 -1.07 -12.72 22.08
C LEU B 125 -0.92 -11.23 21.75
N ALA B 126 -1.68 -10.75 20.76
CA ALA B 126 -1.54 -9.37 20.26
C ALA B 126 -1.88 -8.38 21.36
N TYR B 127 -2.95 -8.67 22.10
CA TYR B 127 -3.34 -7.85 23.25
C TYR B 127 -2.40 -7.85 24.45
N GLN B 128 -1.41 -8.75 24.45
CA GLN B 128 -0.44 -8.79 25.55
C GLN B 128 0.92 -8.25 25.13
N LEU B 129 0.97 -7.72 23.91
CA LEU B 129 2.14 -7.02 23.39
C LEU B 129 2.37 -5.75 24.20
N HIS B 130 3.63 -5.41 24.48
CA HIS B 130 3.90 -4.07 25.00
C HIS B 130 3.39 -3.03 24.00
N GLY B 131 2.68 -2.02 24.48
CA GLY B 131 2.15 -0.96 23.62
C GLY B 131 0.74 -1.22 23.09
N ALA B 132 0.20 -2.39 23.38
CA ALA B 132 -1.08 -2.83 22.81
C ALA B 132 -2.24 -2.00 23.31
N PRO B 133 -3.28 -1.84 22.46
CA PRO B 133 -4.53 -1.24 22.90
C PRO B 133 -5.21 -2.15 23.92
N ILE B 134 -6.08 -1.58 24.74
CA ILE B 134 -6.83 -2.33 25.74
C ILE B 134 -8.05 -2.94 25.07
N PRO B 135 -8.28 -4.25 25.27
CA PRO B 135 -9.40 -4.85 24.55
C PRO B 135 -10.73 -4.50 25.22
N ASP B 136 -11.82 -4.57 24.46
CA ASP B 136 -13.14 -4.38 25.04
C ASP B 136 -13.47 -5.60 25.89
N SER B 137 -14.53 -5.48 26.69
CA SER B 137 -14.92 -6.51 27.66
C SER B 137 -15.20 -7.84 27.01
N PHE B 138 -15.99 -7.81 25.93
CA PHE B 138 -16.34 -9.01 25.17
C PHE B 138 -15.10 -9.75 24.71
N THR B 139 -14.18 -9.02 24.07
CA THR B 139 -12.98 -9.60 23.49
C THR B 139 -12.09 -10.21 24.56
N LYS B 140 -11.82 -9.43 25.59
CA LYS B 140 -11.03 -9.89 26.74
C LYS B 140 -11.60 -11.16 27.36
N ASN B 141 -12.86 -11.13 27.78
CA ASN B 141 -13.42 -12.33 28.42
C ASN B 141 -13.47 -13.51 27.46
N TYR B 142 -13.79 -13.22 26.20
CA TYR B 142 -13.91 -14.27 25.20
C TYR B 142 -12.57 -15.02 25.02
N LEU B 143 -11.49 -14.27 24.80
CA LEU B 143 -10.16 -14.85 24.60
C LEU B 143 -9.57 -15.50 25.87
N GLU B 144 -9.63 -14.78 27.00
CA GLU B 144 -9.23 -15.35 28.30
C GLU B 144 -9.94 -16.64 28.62
N GLU B 145 -11.17 -16.79 28.13
CA GLU B 145 -11.85 -18.07 28.31
C GLU B 145 -11.15 -19.21 27.55
N PHE B 146 -10.50 -18.86 26.44
CA PHE B 146 -9.81 -19.83 25.61
C PHE B 146 -8.38 -20.16 26.09
N PHE B 147 -7.64 -19.14 26.52
CA PHE B 147 -6.20 -19.29 26.72
C PHE B 147 -5.74 -18.84 28.10
N GLY B 148 -6.67 -18.31 28.89
CA GLY B 148 -6.31 -17.85 30.22
C GLY B 148 -6.12 -16.35 30.31
N PRO B 149 -5.86 -15.86 31.51
CA PRO B 149 -5.89 -14.43 31.80
C PRO B 149 -4.82 -13.71 31.02
N MET B 150 -5.13 -12.52 30.50
CA MET B 150 -4.13 -11.70 29.87
C MET B 150 -3.21 -11.06 30.91
N VAL B 151 -1.94 -10.94 30.57
CA VAL B 151 -0.94 -10.28 31.40
C VAL B 151 -0.21 -9.28 30.52
N ALA B 152 -0.27 -7.99 30.89
CA ALA B 152 0.36 -6.96 30.06
C ALA B 152 1.85 -7.23 29.87
N GLY B 153 2.34 -7.05 28.65
CA GLY B 153 3.75 -7.11 28.35
C GLY B 153 4.35 -8.50 28.20
N SER B 154 3.54 -9.53 28.48
CA SER B 154 3.99 -10.92 28.46
C SER B 154 4.37 -11.49 27.08
N THR B 155 3.87 -10.93 25.99
CA THR B 155 4.11 -11.53 24.67
C THR B 155 5.56 -11.39 24.17
N ASN B 156 6.23 -12.55 24.06
CA ASN B 156 7.64 -12.59 23.65
C ASN B 156 7.86 -13.27 22.31
N CYS B 157 9.03 -13.00 21.69
CA CYS B 157 9.51 -13.75 20.54
C CYS B 157 9.56 -15.21 20.93
N GLU B 158 8.84 -16.10 20.22
CA GLU B 158 8.85 -17.54 20.53
C GLU B 158 10.28 -18.11 20.50
N ILE B 159 11.13 -17.46 19.70
CA ILE B 159 12.53 -17.83 19.45
C ILE B 159 13.57 -16.95 20.22
N CYS B 160 13.63 -15.64 19.91
CA CYS B 160 14.49 -14.62 20.61
C CYS B 160 14.26 -14.80 22.13
N LYS B 161 12.99 -14.99 22.52
CA LYS B 161 12.51 -14.88 23.91
C LYS B 161 12.44 -13.43 24.45
N LEU B 162 12.97 -12.47 23.69
CA LEU B 162 12.79 -11.06 24.02
C LEU B 162 11.34 -10.59 23.87
N PRO B 163 10.87 -9.76 24.82
CA PRO B 163 9.55 -9.14 24.71
C PRO B 163 9.40 -8.41 23.38
N LEU B 164 8.18 -8.45 22.83
CA LEU B 164 7.90 -7.82 21.56
C LEU B 164 7.12 -6.53 21.82
N THR B 165 7.26 -5.57 20.92
CA THR B 165 6.54 -4.31 21.00
C THR B 165 5.59 -4.23 19.81
N ILE B 166 4.43 -3.62 20.00
CA ILE B 166 3.43 -3.56 18.94
C ILE B 166 3.87 -2.73 17.73
N ASP B 167 4.74 -1.76 17.96
CA ASP B 167 5.18 -0.91 16.85
C ASP B 167 6.04 -1.69 15.87
N LEU B 168 6.51 -2.86 16.30
CA LEU B 168 7.25 -3.76 15.42
C LEU B 168 6.37 -4.24 14.27
N PHE B 169 5.05 -4.18 14.44
CA PHE B 169 4.15 -4.70 13.43
C PHE B 169 3.96 -3.75 12.25
N SER B 170 4.62 -2.61 12.30
CA SER B 170 4.56 -1.62 11.21
C SER B 170 5.09 -2.21 9.90
N GLU B 171 4.20 -2.37 8.94
CA GLU B 171 4.52 -2.98 7.66
C GLU B 171 5.23 -2.06 6.66
N ASN B 172 5.65 -2.64 5.55
CA ASN B 172 6.44 -1.94 4.53
C ASN B 172 5.60 -1.43 3.39
N ARG B 173 6.26 -1.05 2.30
CA ARG B 173 5.54 -0.64 1.11
C ARG B 173 4.62 -1.77 0.68
N VAL B 174 5.01 -2.97 1.07
CA VAL B 174 4.20 -4.15 0.87
C VAL B 174 4.48 -5.05 2.05
N ALA B 177 7.14 -6.04 7.40
CA ALA B 177 6.81 -6.74 8.65
C ALA B 177 8.06 -7.20 9.41
N ALA B 178 8.49 -6.43 10.39
CA ALA B 178 9.61 -6.84 11.25
C ALA B 178 9.22 -7.96 12.24
N VAL B 179 7.96 -8.41 12.17
CA VAL B 179 7.46 -9.50 12.98
C VAL B 179 6.67 -10.47 12.11
N GLU B 180 6.74 -11.76 12.44
CA GLU B 180 5.99 -12.78 11.72
C GLU B 180 5.33 -13.74 12.71
N THR B 181 4.46 -14.57 12.18
CA THR B 181 3.94 -15.71 12.91
C THR B 181 4.91 -16.91 12.88
N ALA B 182 5.28 -17.37 14.07
CA ALA B 182 6.12 -18.54 14.26
C ALA B 182 5.30 -19.78 14.59
N HIS B 183 5.87 -20.92 14.23
CA HIS B 183 5.37 -22.24 14.59
C HIS B 183 6.49 -22.95 15.36
N LYS B 184 6.18 -23.41 16.57
CA LYS B 184 7.17 -24.10 17.39
C LYS B 184 7.67 -25.36 16.69
N THR B 185 6.73 -26.18 16.24
CA THR B 185 7.01 -27.40 15.51
C THR B 185 6.50 -27.21 14.09
N PRO B 186 7.28 -27.64 13.09
CA PRO B 186 6.89 -27.37 11.70
C PRO B 186 5.62 -28.11 11.31
N ARG B 187 4.80 -27.45 10.48
CA ARG B 187 3.62 -28.07 9.89
C ARG B 187 2.60 -28.62 10.93
N LEU B 188 2.62 -28.01 12.11
CA LEU B 188 1.56 -28.19 13.10
C LEU B 188 0.91 -26.83 13.32
N HIS B 189 -0.27 -26.63 12.73
CA HIS B 189 -0.96 -25.35 12.76
C HIS B 189 -2.10 -25.45 13.78
N ASN B 190 -1.86 -24.95 15.00
CA ASN B 190 -2.87 -24.90 16.02
C ASN B 190 -2.46 -23.87 17.06
N ALA B 191 -3.33 -23.60 18.04
CA ALA B 191 -3.12 -22.47 18.93
C ALA B 191 -1.86 -22.61 19.77
N GLU B 192 -1.63 -23.84 20.23
CA GLU B 192 -0.57 -24.14 21.19
C GLU B 192 0.78 -23.97 20.54
N ASN B 193 0.86 -24.36 19.28
CA ASN B 193 2.09 -24.37 18.50
C ASN B 193 2.49 -23.03 17.87
N VAL B 194 1.59 -22.03 17.87
CA VAL B 194 1.93 -20.77 17.20
C VAL B 194 2.22 -19.60 18.14
N GLY B 195 2.96 -18.62 17.63
CA GLY B 195 3.22 -17.39 18.36
C GLY B 195 3.75 -16.32 17.42
N PHE B 196 4.29 -15.24 17.96
CA PHE B 196 4.91 -14.20 17.16
C PHE B 196 6.43 -14.28 17.36
N ALA B 197 7.20 -13.88 16.35
CA ALA B 197 8.65 -13.85 16.44
C ALA B 197 9.17 -12.70 15.60
N HIS B 198 10.27 -12.08 16.02
CA HIS B 198 11.00 -11.17 15.13
C HIS B 198 11.22 -11.83 13.78
N ARG B 199 11.23 -11.04 12.71
CA ARG B 199 11.51 -11.58 11.37
C ARG B 199 12.86 -12.32 11.29
N PHE B 200 13.91 -11.75 11.87
CA PHE B 200 15.21 -12.39 11.85
C PHE B 200 15.14 -13.81 12.46
N CYS B 201 14.65 -13.87 13.68
CA CYS B 201 14.63 -15.12 14.44
C CYS B 201 13.85 -16.16 13.64
N ASN B 202 12.74 -15.69 13.06
CA ASN B 202 11.83 -16.57 12.37
C ASN B 202 12.36 -17.12 11.06
N VAL B 203 13.06 -16.31 10.28
CA VAL B 203 13.67 -16.89 9.10
C VAL B 203 14.87 -17.74 9.47
N ALA B 204 15.54 -17.43 10.59
CA ALA B 204 16.67 -18.22 11.07
C ALA B 204 16.25 -19.66 11.38
N GLN B 205 15.14 -19.80 12.10
CA GLN B 205 14.61 -21.13 12.44
C GLN B 205 14.37 -22.03 11.20
N GLY B 206 14.02 -21.42 10.07
CA GLY B 206 13.82 -22.16 8.84
C GLY B 206 12.87 -23.35 8.98
N ASN B 207 13.30 -24.53 8.54
CA ASN B 207 12.45 -25.70 8.62
C ASN B 207 12.65 -26.53 9.90
N LYS B 208 13.40 -25.96 10.85
CA LYS B 208 13.68 -26.67 12.09
C LYS B 208 12.62 -26.37 13.15
N SER B 209 12.36 -27.34 14.02
CA SER B 209 11.55 -27.10 15.19
C SER B 209 12.41 -26.33 16.16
N LEU B 210 11.80 -25.72 17.16
CA LEU B 210 12.53 -24.91 18.11
C LEU B 210 13.63 -25.71 18.84
N ASP B 211 13.33 -26.95 19.22
CA ASP B 211 14.31 -27.76 19.95
C ASP B 211 15.51 -28.07 19.06
N GLU B 212 15.23 -28.48 17.83
CA GLU B 212 16.26 -28.73 16.84
C GLU B 212 17.11 -27.49 16.60
N PHE B 213 16.47 -26.33 16.57
CA PHE B 213 17.16 -25.07 16.26
C PHE B 213 18.08 -24.68 17.40
N TYR B 214 17.62 -24.83 18.64
CA TYR B 214 18.50 -24.60 19.80
C TYR B 214 19.67 -25.59 19.88
N LEU B 215 19.39 -26.84 19.52
CA LEU B 215 20.45 -27.86 19.51
C LEU B 215 21.50 -27.44 18.48
N TRP B 216 21.02 -27.07 17.29
CA TRP B 216 21.89 -26.62 16.21
C TRP B 216 22.76 -25.46 16.68
N MET B 217 22.16 -24.48 17.34
CA MET B 217 22.92 -23.32 17.83
C MET B 217 24.02 -23.75 18.78
N GLU B 218 23.67 -24.70 19.64
CA GLU B 218 24.59 -25.19 20.65
C GLU B 218 25.80 -25.90 20.01
N GLU B 219 25.53 -26.73 19.00
CA GLU B 219 26.57 -27.42 18.25
C GLU B 219 27.51 -26.43 17.53
N VAL B 220 26.91 -25.43 16.92
CA VAL B 220 27.68 -24.42 16.22
C VAL B 220 28.62 -23.71 17.20
N LEU B 221 28.07 -23.22 18.31
CA LEU B 221 28.91 -22.52 19.29
C LEU B 221 29.99 -23.44 19.85
N THR B 222 29.67 -24.73 19.94
CA THR B 222 30.66 -25.67 20.40
C THR B 222 31.87 -25.63 19.48
N ARG B 223 31.63 -25.71 18.18
CA ARG B 223 32.76 -25.65 17.24
C ARG B 223 33.48 -24.31 17.18
N VAL B 224 32.74 -23.20 17.25
CA VAL B 224 33.40 -21.89 17.11
C VAL B 224 34.21 -21.51 18.35
N LYS B 225 33.82 -22.04 19.51
CA LYS B 225 34.47 -21.69 20.78
C LYS B 225 35.68 -22.56 21.04
N MET B 226 35.76 -23.69 20.36
CA MET B 226 36.82 -24.62 20.71
C MET B 226 38.15 -24.09 20.21
N LEU B 227 38.96 -23.63 21.17
CA LEU B 227 40.11 -22.74 21.03
C LEU B 227 39.72 -21.27 21.06
N MET C 1 16.66 16.52 -25.14
CA MET C 1 17.23 17.23 -26.28
C MET C 1 17.52 18.69 -25.92
N GLU C 2 18.20 19.39 -26.82
CA GLU C 2 18.42 20.82 -26.64
C GLU C 2 17.24 21.59 -27.21
N LEU C 3 16.74 22.54 -26.44
CA LEU C 3 15.54 23.29 -26.82
C LEU C 3 15.84 24.75 -27.15
N CYS C 4 15.09 25.28 -28.11
CA CYS C 4 15.17 26.67 -28.59
C CYS C 4 15.25 27.65 -27.42
N HIS C 5 14.14 27.78 -26.67
CA HIS C 5 14.08 28.62 -25.46
C HIS C 5 14.21 30.13 -25.67
N LYS C 6 14.28 30.56 -26.92
CA LYS C 6 14.16 31.98 -27.22
C LYS C 6 12.79 32.48 -26.75
N THR C 7 12.70 33.76 -26.42
CA THR C 7 11.44 34.36 -26.01
C THR C 7 10.44 34.24 -27.15
N VAL C 8 9.20 33.90 -26.82
CA VAL C 8 8.12 33.83 -27.80
C VAL C 8 7.23 35.05 -27.61
N LYS C 9 6.83 35.66 -28.72
CA LYS C 9 6.03 36.88 -28.67
C LYS C 9 4.66 36.61 -28.05
N SER C 10 4.29 37.44 -27.07
CA SER C 10 3.05 37.27 -26.32
C SER C 10 2.36 38.61 -26.03
N ARG C 11 1.04 38.58 -25.91
CA ARG C 11 0.26 39.73 -25.42
C ARG C 11 -0.13 39.48 -23.97
N THR C 12 0.58 38.55 -23.33
CA THR C 12 0.25 38.01 -22.02
C THR C 12 0.80 38.90 -20.88
N ALA C 13 0.16 38.85 -19.71
CA ALA C 13 0.59 39.66 -18.56
C ALA C 13 1.98 39.25 -18.07
N TYR C 14 2.19 37.95 -18.02
CA TYR C 14 3.47 37.35 -17.63
C TYR C 14 4.62 37.84 -18.52
N SER C 15 4.31 38.01 -19.81
CA SER C 15 5.34 38.28 -20.81
C SER C 15 5.93 39.68 -20.74
N LYS C 16 5.21 40.59 -20.10
CA LYS C 16 5.71 41.95 -19.91
C LYS C 16 6.90 41.97 -18.95
N HIS C 17 7.06 40.90 -18.17
CA HIS C 17 8.14 40.79 -17.20
C HIS C 17 9.00 39.53 -17.35
N PHE C 18 8.39 38.43 -17.76
CA PHE C 18 9.12 37.17 -17.91
C PHE C 18 8.81 36.52 -19.26
N PRO C 19 9.75 35.68 -19.74
CA PRO C 19 9.54 35.12 -21.09
C PRO C 19 8.66 33.88 -21.16
N HIS C 20 7.97 33.75 -22.28
CA HIS C 20 7.44 32.49 -22.75
C HIS C 20 8.50 31.89 -23.67
N LYS C 21 8.82 30.63 -23.49
CA LYS C 21 9.96 30.05 -24.18
C LYS C 21 9.62 29.05 -25.30
N CYS C 22 10.32 29.22 -26.42
CA CYS C 22 10.30 28.32 -27.56
C CYS C 22 10.57 26.90 -27.04
N GLN C 23 9.75 25.93 -27.43
CA GLN C 23 9.99 24.56 -27.01
C GLN C 23 10.30 23.64 -28.18
N LEU C 24 10.44 24.23 -29.36
CA LEU C 24 11.01 23.52 -30.52
C LEU C 24 12.46 23.13 -30.22
N PRO C 25 12.97 22.11 -30.91
CA PRO C 25 14.41 21.78 -30.79
C PRO C 25 15.27 22.96 -31.21
N LEU C 26 16.41 23.14 -30.54
CA LEU C 26 17.34 24.21 -30.83
C LEU C 26 17.72 24.25 -32.31
N GLY C 27 17.72 25.44 -32.88
CA GLY C 27 18.07 25.63 -34.28
C GLY C 27 16.98 25.20 -35.24
N HIS C 28 15.74 25.23 -34.78
CA HIS C 28 14.61 24.88 -35.65
C HIS C 28 14.40 25.91 -36.76
N SER C 29 13.89 25.45 -37.89
CA SER C 29 13.37 26.38 -38.90
C SER C 29 11.94 26.79 -38.52
N GLY C 30 11.42 27.82 -39.16
CA GLY C 30 10.08 28.27 -38.86
C GLY C 30 10.07 29.14 -37.62
N LYS C 31 8.89 29.66 -37.28
CA LYS C 31 8.75 30.53 -36.13
C LYS C 31 8.85 29.76 -34.81
N CYS C 32 9.33 30.45 -33.77
CA CYS C 32 9.55 29.81 -32.49
C CYS C 32 8.15 29.64 -31.80
N LEU C 33 7.93 28.50 -31.15
CA LEU C 33 6.60 28.12 -30.57
C LEU C 33 6.68 27.57 -29.15
N GLU C 34 5.77 28.01 -28.29
CA GLU C 34 5.76 27.58 -26.90
C GLU C 34 5.13 26.20 -26.76
N PHE C 35 4.05 25.96 -27.50
CA PHE C 35 3.38 24.67 -27.39
C PHE C 35 3.29 23.91 -28.71
N PRO C 36 4.45 23.64 -29.35
CA PRO C 36 4.44 23.03 -30.68
C PRO C 36 3.85 21.60 -30.67
N PHE C 37 4.09 20.90 -29.58
CA PHE C 37 3.64 19.51 -29.46
C PHE C 37 2.12 19.44 -29.36
N LEU C 38 1.48 20.61 -29.30
CA LEU C 38 0.04 20.66 -29.20
C LEU C 38 -0.64 21.27 -30.41
N VAL C 39 0.09 21.71 -31.44
CA VAL C 39 -0.71 22.38 -32.50
C VAL C 39 -1.62 21.40 -33.26
N SER C 40 -1.08 20.24 -33.61
CA SER C 40 -1.85 19.19 -34.26
C SER C 40 -3.10 18.77 -33.47
N LEU C 41 -2.92 18.45 -32.19
CA LEU C 41 -4.07 18.09 -31.35
C LEU C 41 -5.11 19.22 -31.30
N SER C 42 -4.63 20.47 -31.31
CA SER C 42 -5.53 21.60 -31.12
C SER C 42 -6.44 21.69 -32.32
N LYS C 43 -6.06 21.00 -33.39
CA LYS C 43 -6.78 21.09 -34.64
C LYS C 43 -8.00 20.19 -34.53
N THR C 44 -7.81 19.00 -33.95
CA THR C 44 -8.91 18.03 -33.94
C THR C 44 -9.58 17.92 -32.57
N HIS C 45 -8.87 18.34 -31.53
CA HIS C 45 -9.33 18.20 -30.15
C HIS C 45 -8.96 19.46 -29.34
N PRO C 46 -9.45 20.63 -29.75
CA PRO C 46 -9.05 21.88 -29.09
C PRO C 46 -9.33 21.84 -27.59
N ARG C 47 -10.42 21.20 -27.19
CA ARG C 47 -10.80 21.13 -25.77
C ARG C 47 -9.74 20.42 -24.96
N ILE C 48 -9.31 19.26 -25.45
CA ILE C 48 -8.24 18.51 -24.80
C ILE C 48 -6.93 19.31 -24.71
N ALA C 49 -6.53 19.93 -25.82
CA ALA C 49 -5.33 20.79 -25.82
C ALA C 49 -5.42 21.88 -24.77
N ALA C 50 -6.58 22.53 -24.71
CA ALA C 50 -6.86 23.61 -23.77
C ALA C 50 -6.80 23.10 -22.32
N LYS C 51 -7.44 21.96 -22.07
CA LYS C 51 -7.35 21.35 -20.73
C LYS C 51 -5.91 21.05 -20.36
N ILE C 52 -5.13 20.52 -21.29
CA ILE C 52 -3.73 20.22 -21.02
C ILE C 52 -2.94 21.46 -20.62
N VAL C 53 -3.16 22.55 -21.35
CA VAL C 53 -2.48 23.81 -21.02
C VAL C 53 -2.93 24.40 -19.67
N ARG C 54 -4.24 24.37 -19.42
CA ARG C 54 -4.80 24.90 -18.18
C ARG C 54 -4.28 24.09 -16.99
N ASP C 55 -4.36 22.77 -17.08
CA ASP C 55 -3.91 21.92 -15.97
C ASP C 55 -2.40 22.04 -15.78
N ALA C 56 -1.66 22.24 -16.86
CA ALA C 56 -0.21 22.33 -16.71
C ALA C 56 0.26 23.69 -16.18
N THR C 57 -0.47 24.76 -16.47
CA THR C 57 0.02 26.12 -16.18
C THR C 57 -0.78 26.94 -15.17
N MET C 58 -2.06 26.63 -15.01
CA MET C 58 -2.97 27.48 -14.22
C MET C 58 -3.29 26.91 -12.85
N THR C 59 -3.95 27.71 -12.01
CA THR C 59 -4.15 27.34 -10.60
C THR C 59 -5.59 26.94 -10.26
N ARG C 73 -7.57 31.82 -13.38
CA ARG C 73 -7.17 32.81 -12.39
C ARG C 73 -5.72 33.26 -12.60
N MET C 74 -4.79 32.59 -11.91
CA MET C 74 -3.38 32.92 -12.06
C MET C 74 -2.48 31.72 -12.36
N PRO C 75 -1.51 31.90 -13.27
CA PRO C 75 -0.54 30.86 -13.64
C PRO C 75 0.23 30.31 -12.45
N ARG C 76 0.64 29.05 -12.51
CA ARG C 76 1.39 28.42 -11.42
C ARG C 76 2.75 29.06 -11.26
N TYR C 77 3.32 29.50 -12.37
CA TYR C 77 4.65 30.11 -12.38
C TYR C 77 4.61 31.60 -12.05
N VAL C 78 3.41 32.17 -11.97
CA VAL C 78 3.20 33.50 -11.42
C VAL C 78 2.99 33.41 -9.91
N ALA C 79 2.28 32.36 -9.49
CA ALA C 79 1.95 32.18 -8.08
C ALA C 79 3.17 31.74 -7.26
N ILE C 80 4.27 31.44 -7.94
CA ILE C 80 5.53 31.11 -7.26
C ILE C 80 6.36 32.39 -7.07
N LEU C 81 5.72 33.54 -7.29
CA LEU C 81 6.33 34.84 -7.06
C LEU C 81 5.64 35.57 -5.90
N ASP C 82 6.44 36.26 -5.09
CA ASP C 82 5.99 36.89 -3.84
C ASP C 82 5.08 38.11 -4.02
N ASP C 83 4.38 38.47 -2.95
CA ASP C 83 3.32 39.50 -2.99
C ASP C 83 3.82 40.87 -3.47
N ASP C 84 5.04 41.22 -3.08
CA ASP C 84 5.63 42.50 -3.48
C ASP C 84 5.79 42.60 -5.01
N ILE C 85 6.28 41.53 -5.63
CA ILE C 85 6.40 41.50 -7.08
C ILE C 85 5.01 41.38 -7.72
N LEU C 86 4.06 40.81 -6.98
CA LEU C 86 2.69 40.69 -7.48
C LEU C 86 1.97 42.03 -7.57
N LEU C 87 2.25 42.92 -6.62
CA LEU C 87 1.73 44.29 -6.65
C LEU C 87 2.56 45.19 -7.55
N GLU C 88 3.86 44.91 -7.62
CA GLU C 88 4.79 45.71 -8.41
C GLU C 88 4.74 45.35 -9.90
N LYS C 89 5.22 44.14 -10.22
CA LYS C 89 5.27 43.70 -11.61
C LYS C 89 3.88 43.41 -12.19
N PHE C 90 3.00 42.80 -11.41
CA PHE C 90 1.71 42.37 -11.92
C PHE C 90 0.50 43.11 -11.33
N ASN C 91 0.75 44.07 -10.45
CA ASN C 91 -0.30 44.98 -9.96
C ASN C 91 -1.54 44.27 -9.39
N LEU C 92 -1.32 43.31 -8.50
CA LEU C 92 -2.43 42.55 -7.91
C LEU C 92 -2.90 43.13 -6.58
N SER C 96 -4.30 41.73 0.46
CA SER C 96 -5.36 42.44 -0.27
C SER C 96 -6.57 41.55 -0.54
N LEU C 97 -6.54 40.32 -0.03
CA LEU C 97 -7.57 39.33 -0.30
C LEU C 97 -7.75 38.37 0.89
N PRO C 98 -8.83 37.57 0.89
CA PRO C 98 -9.00 36.51 1.89
C PRO C 98 -7.80 35.57 2.00
N GLU C 99 -7.68 34.90 3.15
CA GLU C 99 -6.55 34.01 3.42
C GLU C 99 -6.69 32.66 2.72
N ILE C 100 -7.90 32.11 2.72
CA ILE C 100 -8.14 30.80 2.12
C ILE C 100 -8.23 30.86 0.59
N THR C 101 -8.03 32.06 0.04
CA THR C 101 -7.80 32.21 -1.39
C THR C 101 -6.29 32.40 -1.60
N ARG C 102 -5.66 33.14 -0.68
CA ARG C 102 -4.22 33.44 -0.75
C ARG C 102 -3.34 32.19 -0.65
N LEU C 103 -3.44 31.47 0.46
CA LEU C 103 -2.59 30.30 0.66
C LEU C 103 -3.01 29.14 -0.24
N LYS C 104 -4.26 29.19 -0.70
CA LYS C 104 -4.78 28.23 -1.65
C LYS C 104 -4.17 28.47 -3.03
N ILE C 105 -3.89 29.74 -3.33
CA ILE C 105 -3.15 30.12 -4.54
C ILE C 105 -1.67 29.75 -4.38
N ARG C 106 -1.14 29.88 -3.16
CA ARG C 106 0.24 29.47 -2.89
C ARG C 106 0.45 27.98 -3.10
N GLU C 107 -0.54 27.19 -2.69
CA GLU C 107 -0.42 25.73 -2.69
C GLU C 107 0.07 25.15 -4.02
N LYS C 108 -0.55 25.58 -5.11
CA LYS C 108 -0.26 25.01 -6.43
C LYS C 108 0.71 25.85 -7.26
N ALA C 109 1.85 26.22 -6.67
CA ALA C 109 2.84 27.02 -7.37
C ALA C 109 4.01 26.18 -7.85
N ALA C 110 4.48 26.46 -9.07
CA ALA C 110 5.50 25.64 -9.71
C ALA C 110 6.30 26.49 -10.70
N ASP C 111 7.55 26.11 -10.94
CA ASP C 111 8.36 26.84 -11.91
C ASP C 111 7.83 26.65 -13.33
N TYR C 112 8.00 27.67 -14.17
CA TYR C 112 7.53 27.68 -15.55
C TYR C 112 7.96 26.42 -16.31
N ASP C 113 9.22 26.05 -16.13
CA ASP C 113 9.80 24.88 -16.80
C ASP C 113 9.11 23.56 -16.42
N SER C 114 8.77 23.43 -15.14
CA SER C 114 8.04 22.25 -14.66
C SER C 114 6.67 22.20 -15.30
N CYS C 115 6.02 23.36 -15.38
CA CYS C 115 4.72 23.44 -16.01
C CYS C 115 4.77 22.90 -17.44
N ILE C 116 5.68 23.45 -18.25
CA ILE C 116 5.81 22.96 -19.62
C ILE C 116 6.08 21.45 -19.66
N ASP C 117 6.94 20.98 -18.75
CA ASP C 117 7.16 19.54 -18.60
C ASP C 117 5.85 18.77 -18.44
N VAL C 118 5.00 19.28 -17.55
CA VAL C 118 3.73 18.64 -17.29
C VAL C 118 2.89 18.59 -18.56
N ALA C 119 2.87 19.70 -19.29
CA ALA C 119 2.12 19.76 -20.54
C ALA C 119 2.61 18.69 -21.54
N ARG C 120 3.94 18.60 -21.70
CA ARG C 120 4.51 17.52 -22.52
C ARG C 120 4.04 16.13 -22.08
N LYS C 121 4.16 15.82 -20.79
CA LYS C 121 3.74 14.52 -20.30
C LYS C 121 2.27 14.24 -20.61
N LEU C 122 1.40 15.20 -20.28
CA LEU C 122 -0.02 15.07 -20.57
C LEU C 122 -0.32 14.83 -22.05
N THR C 123 0.41 15.50 -22.96
CA THR C 123 0.16 15.28 -24.39
C THR C 123 0.59 13.87 -24.80
N TRP C 124 1.77 13.48 -24.33
CA TRP C 124 2.25 12.10 -24.52
C TRP C 124 1.23 11.06 -24.05
N LEU C 125 0.64 11.29 -22.88
CA LEU C 125 -0.43 10.41 -22.38
C LEU C 125 -1.67 10.46 -23.30
N ALA C 126 -2.03 11.66 -23.74
CA ALA C 126 -3.27 11.85 -24.52
C ALA C 126 -3.21 11.07 -25.84
N TYR C 127 -2.03 11.05 -26.48
CA TYR C 127 -1.91 10.33 -27.74
C TYR C 127 -1.94 8.81 -27.58
N GLN C 128 -1.83 8.35 -26.34
CA GLN C 128 -1.93 6.94 -26.01
C GLN C 128 -3.31 6.51 -25.44
N LEU C 129 -4.28 7.42 -25.45
CA LEU C 129 -5.66 7.13 -25.03
C LEU C 129 -6.36 6.21 -26.04
N HIS C 130 -7.25 5.34 -25.58
CA HIS C 130 -8.07 4.62 -26.55
C HIS C 130 -8.90 5.63 -27.37
N GLY C 131 -9.01 5.39 -28.68
CA GLY C 131 -9.67 6.32 -29.57
C GLY C 131 -8.91 7.60 -29.87
N ALA C 132 -7.65 7.72 -29.43
CA ALA C 132 -6.91 8.96 -29.66
C ALA C 132 -6.63 9.18 -31.14
N PRO C 133 -6.51 10.44 -31.57
CA PRO C 133 -6.11 10.55 -32.98
C PRO C 133 -4.65 10.15 -33.09
N ILE C 134 -4.18 9.97 -34.32
CA ILE C 134 -2.81 9.60 -34.55
C ILE C 134 -1.94 10.86 -34.65
N PRO C 135 -0.82 10.90 -33.90
CA PRO C 135 0.04 12.10 -33.91
C PRO C 135 0.72 12.26 -35.26
N ASP C 136 1.15 13.47 -35.58
CA ASP C 136 1.98 13.64 -36.78
C ASP C 136 3.44 13.35 -36.39
N SER C 137 4.31 13.16 -37.37
CA SER C 137 5.64 12.65 -37.07
C SER C 137 6.46 13.58 -36.21
N PHE C 138 6.31 14.90 -36.39
CA PHE C 138 6.97 15.83 -35.48
C PHE C 138 6.56 15.58 -34.02
N THR C 139 5.25 15.57 -33.77
CA THR C 139 4.72 15.41 -32.43
C THR C 139 5.16 14.09 -31.80
N LYS C 140 4.98 13.02 -32.56
CA LYS C 140 5.35 11.68 -32.14
C LYS C 140 6.84 11.63 -31.76
N ASN C 141 7.70 12.03 -32.68
CA ASN C 141 9.14 11.90 -32.46
C ASN C 141 9.64 12.79 -31.30
N TYR C 142 9.16 14.03 -31.29
CA TYR C 142 9.44 14.98 -30.22
C TYR C 142 9.06 14.42 -28.83
N LEU C 143 7.81 13.97 -28.68
CA LEU C 143 7.35 13.51 -27.37
C LEU C 143 7.99 12.19 -26.95
N GLU C 144 8.17 11.28 -27.91
CA GLU C 144 8.80 10.00 -27.64
C GLU C 144 10.25 10.19 -27.22
N GLU C 145 10.83 11.29 -27.67
CA GLU C 145 12.18 11.64 -27.28
C GLU C 145 12.19 11.89 -25.77
N PHE C 146 11.18 12.58 -25.28
CA PHE C 146 11.14 12.90 -23.87
C PHE C 146 10.72 11.70 -23.01
N PHE C 147 9.76 10.91 -23.47
CA PHE C 147 9.09 9.94 -22.59
C PHE C 147 9.14 8.47 -23.04
N GLY C 148 9.70 8.21 -24.22
CA GLY C 148 9.75 6.85 -24.72
C GLY C 148 8.59 6.55 -25.65
N PRO C 149 8.59 5.34 -26.24
CA PRO C 149 7.65 4.96 -27.28
C PRO C 149 6.20 5.05 -26.84
N MET C 150 5.38 5.72 -27.66
CA MET C 150 3.95 5.69 -27.46
C MET C 150 3.47 4.29 -27.78
N VAL C 151 2.68 3.72 -26.88
CA VAL C 151 1.98 2.50 -27.26
C VAL C 151 0.47 2.71 -27.10
N ALA C 152 -0.24 2.46 -28.20
CA ALA C 152 -1.69 2.60 -28.34
C ALA C 152 -2.50 2.00 -27.18
N GLY C 153 -3.44 2.77 -26.65
CA GLY C 153 -4.35 2.35 -25.59
C GLY C 153 -3.70 2.00 -24.26
N SER C 154 -2.48 2.50 -24.03
CA SER C 154 -1.77 2.20 -22.80
C SER C 154 -2.12 3.16 -21.67
N THR C 155 -2.71 4.30 -21.99
CA THR C 155 -3.05 5.29 -20.97
C THR C 155 -4.16 4.81 -20.04
N ASN C 156 -3.82 4.73 -18.75
CA ASN C 156 -4.74 4.23 -17.73
C ASN C 156 -4.96 5.30 -16.67
N CYS C 157 -6.07 5.17 -15.95
CA CYS C 157 -6.33 5.99 -14.76
C CYS C 157 -5.14 5.78 -13.82
N GLU C 158 -4.55 6.85 -13.29
CA GLU C 158 -3.42 6.73 -12.36
C GLU C 158 -3.87 6.00 -11.08
N ILE C 159 -5.14 6.17 -10.71
CA ILE C 159 -5.72 5.58 -9.49
C ILE C 159 -6.48 4.28 -9.77
N CYS C 160 -7.58 4.35 -10.56
CA CYS C 160 -8.41 3.20 -11.01
C CYS C 160 -7.44 2.10 -11.52
N LYS C 161 -6.42 2.52 -12.28
CA LYS C 161 -5.56 1.64 -13.10
C LYS C 161 -6.27 1.06 -14.35
N LEU C 162 -7.53 1.47 -14.60
CA LEU C 162 -8.27 1.05 -15.79
C LEU C 162 -7.92 1.93 -17.03
N PRO C 163 -8.02 1.37 -18.24
CA PRO C 163 -7.77 2.14 -19.47
C PRO C 163 -8.77 3.27 -19.68
N LEU C 164 -8.25 4.43 -20.06
CA LEU C 164 -9.07 5.60 -20.31
C LEU C 164 -9.41 5.70 -21.80
N THR C 165 -10.55 6.32 -22.11
CA THR C 165 -10.92 6.54 -23.49
C THR C 165 -11.04 8.04 -23.77
N ILE C 166 -10.71 8.46 -24.98
CA ILE C 166 -10.69 9.87 -25.32
C ILE C 166 -12.08 10.54 -25.19
N ASP C 167 -13.14 9.76 -25.39
CA ASP C 167 -14.50 10.30 -25.23
C ASP C 167 -14.78 10.72 -23.78
N LEU C 168 -13.96 10.27 -22.83
CA LEU C 168 -14.13 10.70 -21.45
C LEU C 168 -13.80 12.17 -21.28
N PHE C 169 -13.28 12.78 -22.31
CA PHE C 169 -12.84 14.14 -22.19
C PHE C 169 -13.89 15.13 -22.60
N SER C 170 -15.12 14.70 -22.72
CA SER C 170 -16.22 15.61 -22.98
C SER C 170 -16.60 16.32 -21.70
N ALA C 178 -16.07 12.27 -16.77
CA ALA C 178 -14.99 13.17 -17.12
C ALA C 178 -13.64 12.65 -16.60
N VAL C 179 -12.58 13.27 -17.09
CA VAL C 179 -11.22 12.96 -16.69
C VAL C 179 -10.62 14.23 -16.12
N GLU C 180 -9.65 14.04 -15.24
CA GLU C 180 -8.95 15.15 -14.63
C GLU C 180 -7.47 14.79 -14.62
N THR C 181 -6.64 15.81 -14.48
CA THR C 181 -5.22 15.59 -14.30
C THR C 181 -4.98 15.20 -12.85
N ALA C 182 -4.25 14.12 -12.65
CA ALA C 182 -3.98 13.63 -11.32
C ALA C 182 -2.52 13.81 -10.94
N HIS C 183 -2.31 13.93 -9.63
CA HIS C 183 -1.01 14.07 -9.02
C HIS C 183 -0.85 12.89 -8.09
N LYS C 184 0.19 12.09 -8.31
CA LYS C 184 0.41 10.89 -7.51
C LYS C 184 0.78 11.27 -6.08
N THR C 185 1.74 12.19 -5.97
CA THR C 185 2.07 12.80 -4.70
C THR C 185 1.55 14.22 -4.77
N PRO C 186 0.90 14.72 -3.70
CA PRO C 186 0.42 16.11 -3.68
C PRO C 186 1.59 17.12 -3.61
N ARG C 187 1.34 18.38 -3.96
CA ARG C 187 2.38 19.41 -3.92
C ARG C 187 3.63 19.04 -4.72
N LEU C 188 3.44 18.42 -5.88
CA LEU C 188 4.57 18.03 -6.74
C LEU C 188 4.17 18.06 -8.21
N HIS C 189 4.48 19.17 -8.86
CA HIS C 189 4.07 19.38 -10.23
C HIS C 189 5.24 19.12 -11.17
N ASN C 190 5.43 17.85 -11.56
CA ASN C 190 6.44 17.51 -12.57
C ASN C 190 5.93 16.41 -13.49
N ALA C 191 6.73 16.02 -14.48
CA ALA C 191 6.28 15.05 -15.47
C ALA C 191 6.07 13.67 -14.89
N GLU C 192 7.01 13.24 -14.06
CA GLU C 192 6.95 11.92 -13.44
C GLU C 192 5.71 11.78 -12.57
N ASN C 193 5.35 12.86 -11.90
CA ASN C 193 4.26 12.82 -10.93
C ASN C 193 2.82 12.93 -11.47
N VAL C 194 2.65 13.35 -12.71
CA VAL C 194 1.29 13.63 -13.18
C VAL C 194 0.77 12.57 -14.16
N GLY C 195 -0.56 12.49 -14.26
CA GLY C 195 -1.20 11.60 -15.22
C GLY C 195 -2.65 11.95 -15.40
N PHE C 196 -3.43 11.06 -15.99
CA PHE C 196 -4.88 11.27 -16.06
C PHE C 196 -5.61 10.32 -15.09
N ALA C 197 -6.82 10.70 -14.71
CA ALA C 197 -7.63 9.91 -13.80
C ALA C 197 -9.11 10.18 -14.04
N HIS C 198 -9.97 9.17 -13.88
CA HIS C 198 -11.41 9.40 -13.94
C HIS C 198 -11.72 10.44 -12.86
N ARG C 199 -12.72 11.28 -13.10
CA ARG C 199 -13.13 12.28 -12.12
C ARG C 199 -13.39 11.64 -10.73
N PHE C 200 -14.15 10.54 -10.70
CA PHE C 200 -14.43 9.86 -9.42
C PHE C 200 -13.15 9.51 -8.64
N CYS C 201 -12.20 8.85 -9.32
CA CYS C 201 -11.00 8.34 -8.64
C CYS C 201 -10.19 9.50 -8.08
N ASN C 202 -10.19 10.60 -8.83
CA ASN C 202 -9.38 11.75 -8.48
C ASN C 202 -9.92 12.54 -7.31
N VAL C 203 -11.25 12.71 -7.26
CA VAL C 203 -11.84 13.36 -6.09
C VAL C 203 -11.72 12.44 -4.87
N ALA C 204 -11.89 11.12 -5.08
CA ALA C 204 -11.73 10.18 -3.95
C ALA C 204 -10.36 10.32 -3.28
N GLN C 205 -9.30 10.36 -4.09
CA GLN C 205 -7.94 10.52 -3.56
C GLN C 205 -7.78 11.74 -2.64
N GLY C 206 -8.49 12.81 -2.96
CA GLY C 206 -8.43 14.02 -2.14
C GLY C 206 -7.01 14.48 -1.94
N ASN C 207 -6.63 14.72 -0.69
CA ASN C 207 -5.30 15.22 -0.38
C ASN C 207 -4.32 14.13 0.04
N LYS C 208 -4.61 12.88 -0.32
CA LYS C 208 -3.70 11.81 0.05
C LYS C 208 -2.80 11.52 -1.14
N SER C 209 -1.56 11.14 -0.86
CA SER C 209 -0.74 10.56 -1.92
C SER C 209 -1.40 9.24 -2.35
N LEU C 210 -0.95 8.72 -3.47
CA LEU C 210 -1.43 7.45 -3.98
C LEU C 210 -1.25 6.31 -2.96
N ASP C 211 -0.07 6.21 -2.37
CA ASP C 211 0.20 5.12 -1.41
C ASP C 211 -0.68 5.23 -0.17
N GLU C 212 -0.82 6.44 0.38
CA GLU C 212 -1.72 6.63 1.52
C GLU C 212 -3.16 6.26 1.19
N PHE C 213 -3.57 6.51 -0.05
CA PHE C 213 -4.92 6.25 -0.50
C PHE C 213 -5.14 4.74 -0.57
N TYR C 214 -4.18 4.03 -1.15
CA TYR C 214 -4.30 2.56 -1.21
C TYR C 214 -4.31 1.92 0.19
N LEU C 215 -3.46 2.45 1.06
CA LEU C 215 -3.38 1.98 2.42
C LEU C 215 -4.72 2.23 3.13
N TRP C 216 -5.27 3.44 2.94
CA TRP C 216 -6.59 3.77 3.48
C TRP C 216 -7.65 2.78 3.02
N MET C 217 -7.70 2.51 1.72
CA MET C 217 -8.59 1.46 1.19
C MET C 217 -8.41 0.11 1.91
N GLU C 218 -7.15 -0.32 2.09
CA GLU C 218 -6.92 -1.59 2.79
C GLU C 218 -7.48 -1.63 4.22
N GLU C 219 -7.28 -0.56 4.99
CA GLU C 219 -7.86 -0.46 6.31
C GLU C 219 -9.39 -0.52 6.25
N VAL C 220 -9.98 0.20 5.29
CA VAL C 220 -11.43 0.22 5.16
C VAL C 220 -11.93 -1.20 4.92
N LEU C 221 -11.42 -1.86 3.89
CA LEU C 221 -11.84 -3.23 3.61
C LEU C 221 -11.58 -4.19 4.77
N THR C 222 -10.50 -3.97 5.52
CA THR C 222 -10.20 -4.85 6.65
C THR C 222 -11.30 -4.70 7.70
N ARG C 223 -11.66 -3.46 8.01
CA ARG C 223 -12.74 -3.22 8.96
C ARG C 223 -14.10 -3.74 8.50
N VAL C 224 -14.46 -3.51 7.24
CA VAL C 224 -15.77 -4.03 6.82
C VAL C 224 -15.82 -5.57 6.75
N LYS C 225 -14.69 -6.22 6.46
CA LYS C 225 -14.71 -7.69 6.42
C LYS C 225 -14.84 -8.30 7.82
N MET C 226 -14.53 -7.51 8.84
CA MET C 226 -14.67 -7.95 10.22
C MET C 226 -16.11 -7.81 10.73
N LEU C 227 -16.95 -7.08 9.99
CA LEU C 227 -18.33 -6.78 10.44
C LEU C 227 -19.45 -7.47 9.64
N MET D 1 51.36 -12.84 -6.65
CA MET D 1 52.22 -12.78 -7.83
C MET D 1 51.88 -11.59 -8.71
N GLU D 2 52.51 -11.50 -9.88
CA GLU D 2 52.19 -10.45 -10.84
C GLU D 2 51.41 -11.05 -12.00
N LEU D 3 50.35 -10.36 -12.40
CA LEU D 3 49.45 -10.91 -13.40
C LEU D 3 49.61 -10.19 -14.74
N CYS D 4 49.32 -10.91 -15.83
CA CYS D 4 49.51 -10.39 -17.20
C CYS D 4 48.58 -9.22 -17.51
N HIS D 5 47.41 -9.22 -16.86
CA HIS D 5 46.45 -8.10 -16.85
C HIS D 5 46.14 -7.41 -18.19
N LYS D 6 46.57 -7.99 -19.31
CA LYS D 6 46.22 -7.46 -20.63
C LYS D 6 44.77 -7.74 -20.96
N THR D 7 44.19 -6.95 -21.86
CA THR D 7 42.78 -7.09 -22.19
C THR D 7 42.50 -8.44 -22.85
N VAL D 8 41.40 -9.07 -22.46
CA VAL D 8 40.97 -10.34 -23.03
C VAL D 8 39.83 -10.08 -24.01
N LYS D 9 39.84 -10.81 -25.13
CA LYS D 9 38.80 -10.67 -26.14
C LYS D 9 37.46 -11.03 -25.55
N SER D 10 36.45 -10.23 -25.85
CA SER D 10 35.15 -10.43 -25.25
C SER D 10 34.04 -9.82 -26.11
N ARG D 11 32.80 -10.22 -25.85
CA ARG D 11 31.65 -9.67 -26.56
C ARG D 11 30.62 -9.31 -25.52
N THR D 12 31.12 -9.19 -24.31
CA THR D 12 30.34 -8.75 -23.18
C THR D 12 30.03 -7.23 -23.32
N ALA D 13 28.91 -6.77 -22.76
CA ALA D 13 28.61 -5.34 -22.71
C ALA D 13 29.72 -4.53 -22.07
N TYR D 14 30.15 -4.97 -20.89
CA TYR D 14 31.27 -4.34 -20.17
C TYR D 14 32.51 -4.15 -21.06
N SER D 15 32.79 -5.12 -21.92
CA SER D 15 34.04 -5.16 -22.68
C SER D 15 34.10 -4.10 -23.76
N LYS D 16 32.94 -3.57 -24.13
CA LYS D 16 32.90 -2.49 -25.11
C LYS D 16 33.50 -1.20 -24.51
N HIS D 17 33.45 -1.08 -23.19
CA HIS D 17 33.95 0.13 -22.53
C HIS D 17 35.07 -0.11 -21.52
N PHE D 18 35.18 -1.33 -21.01
CA PHE D 18 36.19 -1.63 -20.02
C PHE D 18 36.77 -3.02 -20.29
N PRO D 19 38.01 -3.27 -19.84
CA PRO D 19 38.66 -4.55 -20.16
C PRO D 19 38.38 -5.70 -19.17
N HIS D 20 38.14 -6.91 -19.70
CA HIS D 20 38.37 -8.12 -18.93
C HIS D 20 39.88 -8.35 -18.90
N LYS D 21 40.42 -8.59 -17.71
CA LYS D 21 41.87 -8.64 -17.52
C LYS D 21 42.43 -10.05 -17.44
N CYS D 22 43.58 -10.23 -18.10
CA CYS D 22 44.36 -11.47 -18.05
C CYS D 22 44.68 -11.82 -16.60
N GLN D 23 44.34 -13.05 -16.19
CA GLN D 23 44.68 -13.52 -14.85
C GLN D 23 45.82 -14.55 -14.85
N LEU D 24 46.36 -14.81 -16.03
CA LEU D 24 47.57 -15.63 -16.15
C LEU D 24 48.74 -14.89 -15.52
N PRO D 25 49.73 -15.62 -14.99
CA PRO D 25 50.93 -14.96 -14.48
C PRO D 25 51.66 -14.19 -15.58
N LEU D 26 52.16 -13.00 -15.26
CA LEU D 26 52.87 -12.17 -16.24
C LEU D 26 53.96 -12.95 -17.00
N GLY D 27 54.03 -12.72 -18.31
CA GLY D 27 55.01 -13.39 -19.15
C GLY D 27 54.68 -14.83 -19.46
N HIS D 28 53.39 -15.15 -19.52
CA HIS D 28 52.96 -16.52 -19.75
C HIS D 28 53.03 -16.86 -21.24
N SER D 29 52.77 -18.12 -21.56
CA SER D 29 52.95 -18.61 -22.92
C SER D 29 51.80 -18.27 -23.84
N GLY D 30 50.73 -19.05 -23.78
CA GLY D 30 49.68 -18.98 -24.76
C GLY D 30 48.78 -17.77 -24.70
N LYS D 31 47.51 -17.98 -25.05
CA LYS D 31 46.52 -16.92 -25.03
C LYS D 31 46.18 -16.47 -23.62
N CYS D 32 46.12 -15.16 -23.42
CA CYS D 32 45.76 -14.61 -22.13
C CYS D 32 44.31 -14.99 -21.80
N LEU D 33 44.00 -15.19 -20.52
CA LEU D 33 42.70 -15.70 -20.08
C LEU D 33 42.18 -15.01 -18.81
N GLU D 34 40.86 -14.89 -18.70
CA GLU D 34 40.25 -14.27 -17.52
C GLU D 34 40.07 -15.27 -16.37
N PHE D 35 39.78 -16.53 -16.68
CA PHE D 35 39.59 -17.53 -15.64
C PHE D 35 40.39 -18.82 -15.85
N PRO D 36 41.74 -18.72 -15.88
CA PRO D 36 42.53 -19.94 -16.17
C PRO D 36 42.40 -21.01 -15.07
N PHE D 37 42.36 -20.53 -13.82
CA PHE D 37 42.20 -21.40 -12.67
C PHE D 37 40.86 -22.15 -12.64
N LEU D 38 39.98 -21.86 -13.59
CA LEU D 38 38.71 -22.58 -13.65
C LEU D 38 38.58 -23.56 -14.83
N VAL D 39 39.61 -23.62 -15.68
CA VAL D 39 39.45 -24.43 -16.91
C VAL D 39 39.14 -25.90 -16.59
N SER D 40 40.00 -26.53 -15.80
CA SER D 40 39.76 -27.92 -15.35
C SER D 40 38.42 -28.08 -14.67
N LEU D 41 38.06 -27.11 -13.84
CA LEU D 41 36.82 -27.26 -13.09
C LEU D 41 35.64 -27.21 -14.08
N SER D 42 35.77 -26.33 -15.06
CA SER D 42 34.74 -26.23 -16.09
C SER D 42 34.66 -27.54 -16.87
N LYS D 43 35.79 -28.20 -17.04
CA LYS D 43 35.82 -29.51 -17.69
C LYS D 43 35.16 -30.57 -16.79
N THR D 44 35.44 -30.53 -15.48
CA THR D 44 35.01 -31.66 -14.64
C THR D 44 33.64 -31.42 -14.00
N HIS D 45 33.35 -30.15 -13.75
CA HIS D 45 32.15 -29.76 -13.03
C HIS D 45 31.59 -28.44 -13.54
N PRO D 46 30.96 -28.46 -14.74
CA PRO D 46 30.46 -27.28 -15.46
C PRO D 46 29.64 -26.30 -14.58
N ARG D 47 28.60 -26.82 -13.94
CA ARG D 47 27.76 -25.95 -13.13
C ARG D 47 28.46 -25.34 -11.91
N ILE D 48 29.46 -26.03 -11.36
CA ILE D 48 30.16 -25.49 -10.19
C ILE D 48 31.04 -24.32 -10.60
N ALA D 49 31.83 -24.51 -11.64
CA ALA D 49 32.62 -23.43 -12.24
C ALA D 49 31.75 -22.23 -12.65
N ALA D 50 30.63 -22.52 -13.31
CA ALA D 50 29.71 -21.44 -13.70
C ALA D 50 29.16 -20.69 -12.48
N LYS D 51 28.82 -21.42 -11.41
CA LYS D 51 28.27 -20.78 -10.21
C LYS D 51 29.33 -19.99 -9.45
N ILE D 52 30.57 -20.44 -9.51
CA ILE D 52 31.66 -19.69 -8.95
C ILE D 52 31.84 -18.35 -9.70
N VAL D 53 31.83 -18.41 -11.03
CA VAL D 53 31.95 -17.18 -11.82
C VAL D 53 30.77 -16.25 -11.53
N ARG D 54 29.56 -16.80 -11.54
CA ARG D 54 28.37 -16.03 -11.19
C ARG D 54 28.40 -15.38 -9.78
N ASP D 55 28.69 -16.17 -8.74
CA ASP D 55 28.75 -15.65 -7.36
C ASP D 55 29.86 -14.63 -7.19
N ALA D 56 31.01 -14.88 -7.81
CA ALA D 56 32.11 -13.93 -7.73
C ALA D 56 31.82 -12.63 -8.47
N THR D 57 30.98 -12.71 -9.49
CA THR D 57 30.99 -11.68 -10.51
C THR D 57 29.64 -10.95 -10.73
N MET D 58 28.53 -11.63 -10.43
CA MET D 58 27.21 -11.07 -10.70
C MET D 58 26.46 -10.64 -9.43
N THR D 59 25.42 -9.83 -9.65
CA THR D 59 24.76 -9.14 -8.56
C THR D 59 23.84 -10.04 -7.73
N MET D 74 23.22 -8.11 -13.42
CA MET D 74 24.38 -7.35 -13.91
C MET D 74 25.64 -7.65 -13.10
N PRO D 75 26.81 -7.47 -13.74
CA PRO D 75 28.08 -7.62 -13.00
C PRO D 75 28.21 -6.63 -11.82
N ARG D 76 28.86 -7.07 -10.75
CA ARG D 76 29.11 -6.22 -9.58
C ARG D 76 29.98 -5.02 -9.95
N TYR D 77 30.94 -5.24 -10.84
CA TYR D 77 31.81 -4.17 -11.29
C TYR D 77 31.14 -3.24 -12.31
N VAL D 78 29.84 -3.47 -12.54
CA VAL D 78 29.02 -2.56 -13.31
C VAL D 78 28.13 -1.84 -12.31
N ALA D 79 27.75 -2.55 -11.25
CA ALA D 79 26.86 -1.99 -10.24
C ALA D 79 27.56 -0.93 -9.39
N ILE D 80 28.88 -0.80 -9.56
CA ILE D 80 29.65 0.20 -8.83
C ILE D 80 29.80 1.51 -9.64
N LEU D 81 29.46 1.47 -10.92
CA LEU D 81 29.66 2.60 -11.83
C LEU D 81 28.60 3.68 -11.65
N ASP D 82 29.01 4.94 -11.70
CA ASP D 82 28.08 6.05 -11.41
C ASP D 82 26.92 6.14 -12.42
N ASP D 83 25.84 6.80 -12.02
CA ASP D 83 24.66 6.99 -12.88
C ASP D 83 24.94 7.60 -14.27
N ASP D 84 25.95 8.45 -14.37
CA ASP D 84 26.29 9.06 -15.68
C ASP D 84 26.87 8.01 -16.64
N ILE D 85 27.82 7.23 -16.15
CA ILE D 85 28.38 6.13 -16.91
C ILE D 85 27.32 5.08 -17.25
N LEU D 86 26.46 4.75 -16.28
CA LEU D 86 25.40 3.77 -16.49
C LEU D 86 24.45 4.20 -17.61
N LEU D 87 24.00 5.45 -17.52
CA LEU D 87 23.14 6.01 -18.56
C LEU D 87 23.83 6.10 -19.93
N GLU D 88 25.03 6.66 -19.98
CA GLU D 88 25.68 6.94 -21.24
C GLU D 88 26.18 5.68 -21.96
N LYS D 89 26.71 4.74 -21.20
CA LYS D 89 27.48 3.65 -21.79
C LYS D 89 26.84 2.27 -21.66
N PHE D 90 25.76 2.17 -20.89
CA PHE D 90 25.07 0.89 -20.70
C PHE D 90 23.59 1.02 -20.93
N ASN D 91 23.16 2.20 -21.38
CA ASN D 91 21.75 2.48 -21.61
C ASN D 91 20.91 2.04 -20.41
N LEU D 92 21.31 2.48 -19.23
CA LEU D 92 20.57 2.14 -18.01
C LEU D 92 20.31 3.40 -17.22
N ASP D 93 19.04 3.71 -17.01
CA ASP D 93 18.66 4.94 -16.34
C ASP D 93 18.29 4.64 -14.90
N MET D 94 19.23 4.89 -14.00
CA MET D 94 19.02 4.59 -12.60
C MET D 94 17.92 5.44 -11.97
N GLN D 95 17.79 6.70 -12.40
CA GLN D 95 16.73 7.59 -11.92
C GLN D 95 15.32 7.10 -12.27
N SER D 96 15.21 6.20 -13.24
CA SER D 96 13.92 5.65 -13.64
C SER D 96 13.50 4.46 -12.78
N LEU D 97 14.40 4.02 -11.90
CA LEU D 97 14.12 2.87 -11.03
C LEU D 97 13.65 3.31 -9.64
N PRO D 98 12.85 2.45 -8.98
CA PRO D 98 12.50 2.70 -7.58
C PRO D 98 13.76 2.84 -6.74
N GLU D 99 13.75 3.79 -5.80
CA GLU D 99 14.88 4.03 -4.90
C GLU D 99 15.46 2.75 -4.29
N ILE D 100 14.57 1.85 -3.90
CA ILE D 100 14.94 0.65 -3.17
C ILE D 100 15.90 -0.20 -4.02
N THR D 101 15.49 -0.44 -5.26
CA THR D 101 16.28 -1.24 -6.17
C THR D 101 17.62 -0.57 -6.51
N ARG D 102 17.66 0.76 -6.56
CA ARG D 102 18.92 1.48 -6.75
C ARG D 102 19.87 1.16 -5.60
N LEU D 103 19.32 1.25 -4.39
CA LEU D 103 20.06 0.94 -3.17
C LEU D 103 20.58 -0.50 -3.14
N LYS D 104 19.78 -1.43 -3.63
CA LYS D 104 20.17 -2.83 -3.64
C LYS D 104 21.21 -3.13 -4.72
N ILE D 105 21.12 -2.43 -5.85
CA ILE D 105 22.15 -2.53 -6.87
C ILE D 105 23.46 -2.06 -6.25
N ARG D 106 23.42 -0.94 -5.54
CA ARG D 106 24.64 -0.39 -4.97
C ARG D 106 25.23 -1.27 -3.86
N GLU D 107 24.36 -1.93 -3.10
CA GLU D 107 24.74 -2.85 -2.04
C GLU D 107 25.73 -3.92 -2.48
N LYS D 108 25.57 -4.39 -3.72
CA LYS D 108 26.37 -5.52 -4.23
C LYS D 108 27.55 -5.11 -5.10
N ALA D 109 27.82 -3.81 -5.15
CA ALA D 109 28.89 -3.30 -6.00
C ALA D 109 30.23 -3.79 -5.50
N ALA D 110 31.15 -3.97 -6.42
CA ALA D 110 32.49 -4.38 -6.05
C ALA D 110 33.31 -4.07 -7.26
N ASP D 111 34.55 -3.65 -7.07
CA ASP D 111 35.43 -3.44 -8.20
C ASP D 111 35.81 -4.78 -8.81
N TYR D 112 36.16 -4.73 -10.08
CA TYR D 112 36.48 -5.89 -10.92
C TYR D 112 37.54 -6.82 -10.32
N ASP D 113 38.61 -6.24 -9.79
CA ASP D 113 39.73 -7.02 -9.29
C ASP D 113 39.30 -7.81 -8.05
N SER D 114 38.49 -7.19 -7.19
CA SER D 114 37.96 -7.90 -6.06
C SER D 114 37.10 -9.09 -6.51
N CYS D 115 36.28 -8.87 -7.53
CA CYS D 115 35.45 -9.94 -8.07
C CYS D 115 36.31 -11.15 -8.49
N ILE D 116 37.41 -10.88 -9.20
CA ILE D 116 38.30 -11.97 -9.59
C ILE D 116 38.99 -12.64 -8.37
N ASP D 117 39.34 -11.84 -7.36
CA ASP D 117 39.89 -12.40 -6.12
C ASP D 117 38.91 -13.41 -5.52
N VAL D 118 37.64 -13.02 -5.42
CA VAL D 118 36.60 -13.89 -4.93
C VAL D 118 36.54 -15.19 -5.75
N ALA D 119 36.55 -15.09 -7.09
CA ALA D 119 36.54 -16.31 -7.89
C ALA D 119 37.73 -17.24 -7.58
N ARG D 120 38.89 -16.63 -7.33
CA ARG D 120 40.08 -17.40 -6.96
C ARG D 120 39.89 -18.13 -5.62
N LYS D 121 39.34 -17.40 -4.65
CA LYS D 121 39.07 -17.94 -3.32
C LYS D 121 38.15 -19.14 -3.43
N LEU D 122 37.01 -18.96 -4.10
CA LEU D 122 36.04 -20.02 -4.17
C LEU D 122 36.58 -21.25 -4.88
N THR D 123 37.46 -21.05 -5.87
CA THR D 123 38.08 -22.20 -6.55
C THR D 123 39.03 -22.97 -5.62
N TRP D 124 39.89 -22.22 -4.92
CA TRP D 124 40.81 -22.80 -3.92
C TRP D 124 40.02 -23.61 -2.89
N LEU D 125 38.92 -23.03 -2.42
CA LEU D 125 38.02 -23.70 -1.48
C LEU D 125 37.42 -24.98 -2.06
N ALA D 126 37.01 -24.90 -3.33
CA ALA D 126 36.27 -25.98 -4.00
C ALA D 126 37.14 -27.19 -4.23
N TYR D 127 38.43 -26.97 -4.49
CA TYR D 127 39.38 -28.09 -4.59
C TYR D 127 39.72 -28.78 -3.23
N GLN D 128 39.33 -28.16 -2.12
CA GLN D 128 39.55 -28.73 -0.79
C GLN D 128 38.25 -29.28 -0.18
N LEU D 129 37.27 -29.57 -1.02
CA LEU D 129 35.98 -30.12 -0.59
C LEU D 129 36.17 -31.62 -0.52
N HIS D 130 35.54 -32.28 0.45
CA HIS D 130 35.56 -33.73 0.41
C HIS D 130 34.86 -34.22 -0.87
N GLY D 131 35.57 -35.00 -1.67
CA GLY D 131 35.03 -35.48 -2.93
C GLY D 131 35.53 -34.73 -4.16
N ALA D 132 36.20 -33.61 -3.95
CA ALA D 132 36.64 -32.74 -5.06
C ALA D 132 37.45 -33.49 -6.09
N PRO D 133 37.42 -33.03 -7.35
CA PRO D 133 38.37 -33.57 -8.32
C PRO D 133 39.77 -33.17 -7.90
N ILE D 134 40.77 -33.87 -8.38
CA ILE D 134 42.15 -33.46 -8.15
C ILE D 134 42.51 -32.38 -9.17
N PRO D 135 43.03 -31.25 -8.69
CA PRO D 135 43.42 -30.12 -9.53
C PRO D 135 44.60 -30.44 -10.41
N ASP D 136 44.65 -29.84 -11.60
CA ASP D 136 45.82 -29.92 -12.45
C ASP D 136 46.91 -29.14 -11.74
N SER D 137 48.17 -29.44 -12.06
CA SER D 137 49.31 -28.85 -11.37
C SER D 137 49.30 -27.32 -11.44
N PHE D 138 48.95 -26.77 -12.61
CA PHE D 138 48.89 -25.32 -12.78
C PHE D 138 47.91 -24.65 -11.81
N THR D 139 46.67 -25.11 -11.84
CA THR D 139 45.63 -24.59 -10.97
C THR D 139 46.08 -24.63 -9.51
N LYS D 140 46.61 -25.79 -9.14
CA LYS D 140 47.06 -26.03 -7.77
C LYS D 140 48.14 -25.03 -7.34
N ASN D 141 49.19 -24.89 -8.13
CA ASN D 141 50.30 -24.01 -7.77
C ASN D 141 49.93 -22.53 -7.76
N TYR D 142 49.15 -22.16 -8.77
CA TYR D 142 48.66 -20.79 -8.92
C TYR D 142 47.81 -20.39 -7.73
N LEU D 143 46.83 -21.23 -7.38
CA LEU D 143 45.95 -20.92 -6.26
C LEU D 143 46.72 -20.92 -4.94
N GLU D 144 47.66 -21.86 -4.81
CA GLU D 144 48.41 -21.97 -3.56
C GLU D 144 49.34 -20.78 -3.32
N GLU D 145 49.82 -20.13 -4.40
CA GLU D 145 50.58 -18.89 -4.20
C GLU D 145 49.71 -17.77 -3.62
N PHE D 146 48.43 -17.75 -4.00
CA PHE D 146 47.50 -16.76 -3.48
C PHE D 146 47.04 -17.04 -2.04
N PHE D 147 46.78 -18.31 -1.70
CA PHE D 147 46.13 -18.59 -0.41
C PHE D 147 46.82 -19.59 0.50
N GLY D 148 47.93 -20.17 0.05
CA GLY D 148 48.62 -21.17 0.83
C GLY D 148 48.26 -22.57 0.39
N PRO D 149 48.77 -23.58 1.11
CA PRO D 149 48.61 -24.94 0.60
C PRO D 149 47.18 -25.47 0.68
N MET D 150 46.83 -26.29 -0.30
CA MET D 150 45.57 -27.00 -0.27
C MET D 150 45.66 -28.15 0.73
N VAL D 151 44.67 -28.26 1.61
CA VAL D 151 44.55 -29.43 2.48
C VAL D 151 43.22 -30.12 2.22
N ALA D 152 43.32 -31.36 1.73
CA ALA D 152 42.14 -32.16 1.34
C ALA D 152 41.08 -32.25 2.43
N GLY D 153 39.85 -31.93 2.05
CA GLY D 153 38.70 -32.04 2.93
C GLY D 153 38.65 -30.99 4.02
N SER D 154 39.46 -29.94 3.90
CA SER D 154 39.49 -28.89 4.91
C SER D 154 38.35 -27.86 4.75
N THR D 155 37.60 -27.93 3.66
CA THR D 155 36.58 -26.92 3.41
C THR D 155 35.31 -27.17 4.20
N ASN D 156 35.00 -26.25 5.10
CA ASN D 156 33.84 -26.35 5.95
C ASN D 156 32.86 -25.21 5.67
N CYS D 157 31.60 -25.40 6.04
CA CYS D 157 30.63 -24.32 6.13
C CYS D 157 31.22 -23.24 7.01
N GLU D 158 31.24 -22.01 6.51
CA GLU D 158 31.76 -20.87 7.28
C GLU D 158 30.93 -20.62 8.54
N ILE D 159 29.65 -21.00 8.50
CA ILE D 159 28.74 -20.86 9.65
C ILE D 159 28.65 -22.15 10.51
N CYS D 160 28.11 -23.25 9.93
CA CYS D 160 28.02 -24.62 10.53
C CYS D 160 29.37 -25.05 11.18
N LYS D 161 30.47 -24.86 10.44
CA LYS D 161 31.79 -25.42 10.73
C LYS D 161 31.90 -26.91 10.38
N LEU D 162 30.82 -27.47 9.87
CA LEU D 162 30.85 -28.85 9.38
C LEU D 162 31.52 -28.91 8.01
N PRO D 163 32.22 -30.02 7.73
CA PRO D 163 32.87 -30.27 6.43
C PRO D 163 31.81 -30.27 5.35
N LEU D 164 32.13 -29.74 4.17
CA LEU D 164 31.21 -29.78 3.03
C LEU D 164 31.65 -30.81 1.98
N THR D 165 30.66 -31.39 1.30
CA THR D 165 30.94 -32.36 0.25
C THR D 165 30.54 -31.78 -1.10
N ILE D 166 31.36 -32.06 -2.11
CA ILE D 166 31.18 -31.50 -3.44
C ILE D 166 29.81 -31.86 -4.05
N ASP D 167 29.24 -32.99 -3.64
CA ASP D 167 27.91 -33.37 -4.13
C ASP D 167 26.80 -32.50 -3.56
N LEU D 168 27.13 -31.62 -2.63
CA LEU D 168 26.14 -30.67 -2.15
C LEU D 168 25.94 -29.59 -3.21
N PHE D 169 26.90 -29.48 -4.12
CA PHE D 169 26.91 -28.43 -5.14
C PHE D 169 26.11 -28.82 -6.37
N SER D 170 25.14 -29.72 -6.20
CA SER D 170 24.28 -30.15 -7.31
C SER D 170 22.89 -29.55 -7.19
N ALA D 177 19.02 -25.05 -3.96
CA ALA D 177 20.47 -25.07 -3.78
C ALA D 177 20.81 -25.48 -2.36
N ALA D 178 21.69 -26.47 -2.21
CA ALA D 178 22.09 -26.95 -0.87
C ALA D 178 23.23 -26.14 -0.25
N VAL D 179 24.15 -25.67 -1.10
CA VAL D 179 25.27 -24.83 -0.67
C VAL D 179 25.24 -23.48 -1.39
N GLU D 180 25.68 -22.44 -0.69
CA GLU D 180 25.74 -21.10 -1.23
C GLU D 180 27.03 -20.43 -0.84
N THR D 181 27.37 -19.38 -1.59
CA THR D 181 28.47 -18.51 -1.25
C THR D 181 28.08 -17.65 -0.06
N ALA D 182 28.99 -17.57 0.91
CA ALA D 182 28.75 -16.83 2.13
C ALA D 182 29.75 -15.68 2.26
N HIS D 183 29.29 -14.64 2.95
CA HIS D 183 30.08 -13.46 3.25
C HIS D 183 30.18 -13.34 4.75
N LYS D 184 31.38 -13.53 5.29
CA LYS D 184 31.57 -13.59 6.74
C LYS D 184 31.06 -12.32 7.38
N THR D 185 31.44 -11.19 6.77
CA THR D 185 31.00 -9.87 7.17
C THR D 185 30.11 -9.37 6.01
N PRO D 186 28.98 -8.71 6.34
CA PRO D 186 28.02 -8.25 5.31
C PRO D 186 28.61 -7.21 4.35
N ARG D 187 28.15 -7.24 3.10
CA ARG D 187 28.57 -6.32 2.03
C ARG D 187 30.09 -6.00 1.95
N LEU D 188 30.91 -7.03 2.09
CA LEU D 188 32.32 -6.90 1.79
C LEU D 188 32.68 -8.06 0.89
N HIS D 189 32.93 -7.74 -0.38
CA HIS D 189 33.13 -8.73 -1.42
C HIS D 189 34.60 -8.79 -1.76
N ASN D 190 35.32 -9.66 -1.04
CA ASN D 190 36.73 -9.93 -1.30
C ASN D 190 37.10 -11.35 -0.91
N ALA D 191 38.38 -11.68 -1.11
CA ALA D 191 38.86 -13.05 -0.93
C ALA D 191 38.72 -13.52 0.50
N GLU D 192 39.30 -12.77 1.43
CA GLU D 192 39.33 -13.12 2.84
C GLU D 192 37.92 -13.32 3.40
N ASN D 193 36.98 -12.48 2.97
CA ASN D 193 35.63 -12.47 3.54
C ASN D 193 34.67 -13.53 2.99
N VAL D 194 35.03 -14.22 1.91
CA VAL D 194 34.07 -15.16 1.31
C VAL D 194 34.40 -16.63 1.54
N GLY D 195 33.34 -17.43 1.49
CA GLY D 195 33.52 -18.87 1.55
C GLY D 195 32.27 -19.61 1.15
N PHE D 196 32.15 -20.85 1.58
CA PHE D 196 30.97 -21.65 1.30
C PHE D 196 30.19 -21.92 2.59
N ALA D 197 28.87 -22.06 2.46
CA ALA D 197 28.02 -22.36 3.59
C ALA D 197 26.84 -23.18 3.13
N HIS D 198 26.31 -24.04 4.01
CA HIS D 198 25.02 -24.68 3.78
C HIS D 198 23.99 -23.58 3.54
N ARG D 199 22.98 -23.88 2.72
CA ARG D 199 21.91 -22.93 2.48
C ARG D 199 21.21 -22.55 3.79
N PHE D 200 20.97 -23.54 4.65
CA PHE D 200 20.29 -23.26 5.92
C PHE D 200 21.10 -22.25 6.73
N CYS D 201 22.39 -22.51 6.82
CA CYS D 201 23.30 -21.74 7.66
C CYS D 201 23.34 -20.31 7.16
N ASN D 202 23.50 -20.19 5.84
CA ASN D 202 23.60 -18.91 5.17
C ASN D 202 22.33 -18.07 5.35
N VAL D 203 21.15 -18.65 5.17
CA VAL D 203 19.95 -17.84 5.33
C VAL D 203 19.77 -17.43 6.80
N ALA D 204 20.14 -18.31 7.73
CA ALA D 204 19.98 -17.96 9.14
C ALA D 204 20.88 -16.79 9.52
N GLN D 205 22.11 -16.79 8.98
CA GLN D 205 23.03 -15.70 9.27
C GLN D 205 22.44 -14.33 8.93
N GLY D 206 21.62 -14.30 7.88
CA GLY D 206 20.95 -13.08 7.45
C GLY D 206 21.90 -11.91 7.27
N ASN D 207 21.61 -10.79 7.92
CA ASN D 207 22.41 -9.58 7.73
C ASN D 207 23.40 -9.34 8.85
N LYS D 208 23.58 -10.32 9.71
CA LYS D 208 24.56 -10.21 10.79
C LYS D 208 25.95 -10.67 10.35
N SER D 209 26.99 -10.10 10.94
CA SER D 209 28.32 -10.64 10.74
C SER D 209 28.38 -11.96 11.50
N LEU D 210 29.39 -12.78 11.19
CA LEU D 210 29.58 -14.04 11.89
C LEU D 210 29.63 -13.80 13.39
N ASP D 211 30.39 -12.79 13.81
CA ASP D 211 30.59 -12.49 15.22
C ASP D 211 29.27 -12.15 15.92
N GLU D 212 28.44 -11.37 15.23
CA GLU D 212 27.16 -10.94 15.77
C GLU D 212 26.17 -12.09 15.83
N PHE D 213 26.31 -13.01 14.89
CA PHE D 213 25.39 -14.13 14.75
C PHE D 213 25.64 -15.11 15.89
N TYR D 214 26.92 -15.40 16.11
CA TYR D 214 27.30 -16.28 17.22
C TYR D 214 26.91 -15.63 18.53
N LEU D 215 27.20 -14.35 18.68
CA LEU D 215 26.85 -13.66 19.91
C LEU D 215 25.34 -13.79 20.13
N TRP D 216 24.58 -13.56 19.06
CA TRP D 216 23.12 -13.69 19.08
C TRP D 216 22.71 -15.09 19.56
N MET D 217 23.41 -16.12 19.08
CA MET D 217 23.10 -17.49 19.49
C MET D 217 23.39 -17.70 20.99
N GLU D 218 24.46 -17.07 21.47
CA GLU D 218 24.78 -17.23 22.89
C GLU D 218 23.68 -16.56 23.74
N GLU D 219 23.26 -15.38 23.30
CA GLU D 219 22.20 -14.63 23.98
C GLU D 219 20.88 -15.42 24.01
N VAL D 220 20.48 -15.96 22.86
CA VAL D 220 19.30 -16.80 22.78
C VAL D 220 19.37 -18.01 23.74
N LEU D 221 20.47 -18.77 23.65
CA LEU D 221 20.61 -19.99 24.45
C LEU D 221 20.60 -19.70 25.93
N THR D 222 21.27 -18.62 26.29
CA THR D 222 21.31 -18.14 27.65
C THR D 222 19.89 -17.85 28.14
N ARG D 223 19.12 -17.14 27.31
CA ARG D 223 17.71 -16.90 27.68
C ARG D 223 16.88 -18.17 27.82
N VAL D 224 17.02 -19.11 26.89
CA VAL D 224 16.15 -20.29 26.93
C VAL D 224 16.55 -21.27 28.02
N LYS D 225 17.75 -21.09 28.59
CA LYS D 225 18.16 -21.91 29.72
C LYS D 225 17.87 -21.24 31.08
N MET D 226 17.82 -19.90 31.11
CA MET D 226 17.65 -19.16 32.36
C MET D 226 16.20 -19.12 32.87
N LEU D 227 15.27 -19.61 32.05
CA LEU D 227 13.86 -19.68 32.44
C LEU D 227 13.32 -21.10 32.29
#